data_5EKS
#
_entry.id   5EKS
#
_cell.length_a   58.400
_cell.length_b   58.920
_cell.length_c   104.810
_cell.angle_alpha   90.000
_cell.angle_beta   97.400
_cell.angle_gamma   90.000
#
_symmetry.space_group_name_H-M   'P 1 21 1'
#
loop_
_entity.id
_entity.type
_entity.pdbx_description
1 polymer '3-dehydroquinate synthase'
2 non-polymer NICOTINAMIDE-ADENINE-DINUCLEOTIDE
3 non-polymer 'MAGNESIUM ION'
4 water water
#
_entity_poly.entity_id   1
_entity_poly.type   'polypeptide(L)'
_entity_poly.pdbx_seq_one_letter_code
;MAHHHHHHMQTLHVELGERRYPIFIGSQLDPKQLLEPYIHGQQVMIVSNVTVAPLYLSHYQEALESLGKTVATCILPDGE
KYKDIQHLNLIFDALLEAGFNRDCTVLALGGGVIGDMAGFASACFQRGVYFVQVPTTLLSQVDSSVGGKTGINHPLGKNM
LGAFQQPQVVLADMAQLNTLPERELSAGLAEVIKYALLGDEDFLVWLEENMDGLVARDADLLAEAVYRSCAHKARIVAND
EKEQGERALLNLGHTFGHAIESYLGYGTWLHGEAVATGMVMAADLSQRLGWISNEDVARTKKIIQRANLPISCPQIPLDD
FLGYMAHDKKVLNGQLRLVLLKQLGQAVITKDFDVELMKQAILANQHG
;
_entity_poly.pdbx_strand_id   A,B
#
# COMPACT_ATOMS: atom_id res chain seq x y z
N HIS A 8 24.63 -14.70 -19.04
CA HIS A 8 25.62 -13.69 -19.38
C HIS A 8 25.18 -12.32 -18.90
N MET A 9 26.03 -11.65 -18.14
CA MET A 9 25.74 -10.30 -17.68
C MET A 9 26.13 -9.29 -18.74
N GLN A 10 25.31 -8.24 -18.87
CA GLN A 10 25.58 -7.14 -19.78
C GLN A 10 25.95 -5.90 -18.97
N THR A 11 26.83 -5.07 -19.55
CA THR A 11 27.21 -3.81 -18.94
C THR A 11 26.91 -2.67 -19.91
N LEU A 12 26.17 -1.68 -19.43
CA LEU A 12 25.99 -0.43 -20.14
C LEU A 12 26.84 0.63 -19.45
N HIS A 13 27.66 1.34 -20.23
CA HIS A 13 28.48 2.43 -19.72
C HIS A 13 27.79 3.75 -19.99
N VAL A 14 27.44 4.47 -18.93
CA VAL A 14 26.73 5.74 -19.05
C VAL A 14 27.72 6.89 -18.86
N GLU A 15 27.54 7.95 -19.64
CA GLU A 15 28.30 9.19 -19.49
C GLU A 15 27.30 10.33 -19.35
N LEU A 16 27.13 10.83 -18.14
CA LEU A 16 26.26 11.96 -17.87
C LEU A 16 27.01 12.96 -16.98
N GLY A 17 26.85 14.24 -17.28
CA GLY A 17 27.69 15.23 -16.64
C GLY A 17 29.15 14.97 -16.98
N GLU A 18 30.03 15.25 -16.03
CA GLU A 18 31.42 14.85 -16.13
C GLU A 18 31.68 13.50 -15.47
N ARG A 19 30.62 12.75 -15.16
CA ARG A 19 30.71 11.49 -14.45
C ARG A 19 30.37 10.33 -15.39
N ARG A 20 30.86 9.15 -15.02
CA ARG A 20 30.66 7.95 -15.82
C ARG A 20 30.48 6.77 -14.87
N TYR A 21 29.56 5.87 -15.21
CA TYR A 21 29.32 4.74 -14.34
C TYR A 21 28.78 3.58 -15.15
N PRO A 22 28.94 2.35 -14.67
CA PRO A 22 28.35 1.19 -15.34
C PRO A 22 27.00 0.82 -14.74
N ILE A 23 26.15 0.28 -15.60
CA ILE A 23 24.96 -0.43 -15.18
C ILE A 23 25.16 -1.90 -15.53
N PHE A 24 25.25 -2.73 -14.49
CA PHE A 24 25.35 -4.18 -14.66
C PHE A 24 23.95 -4.77 -14.69
N ILE A 25 23.65 -5.54 -15.74
CA ILE A 25 22.31 -6.08 -15.95
C ILE A 25 22.44 -7.60 -16.11
N GLY A 26 21.74 -8.33 -15.28
CA GLY A 26 21.74 -9.78 -15.39
C GLY A 26 20.84 -10.39 -14.36
N SER A 27 21.13 -11.64 -14.01
CA SER A 27 20.34 -12.39 -13.05
C SER A 27 21.26 -13.09 -12.06
N GLN A 28 20.86 -13.07 -10.79
CA GLN A 28 21.63 -13.68 -9.71
CA GLN A 28 21.64 -13.68 -9.70
C GLN A 28 23.07 -13.17 -9.69
N LEU A 29 23.20 -11.85 -9.69
CA LEU A 29 24.50 -11.21 -9.70
C LEU A 29 25.18 -11.33 -8.34
N ASP A 30 26.50 -11.24 -8.34
CA ASP A 30 27.25 -11.28 -7.10
C ASP A 30 27.62 -9.86 -6.72
N PRO A 31 27.00 -9.26 -5.70
CA PRO A 31 27.31 -7.86 -5.39
C PRO A 31 28.68 -7.68 -4.78
N LYS A 32 29.23 -8.72 -4.14
CA LYS A 32 30.58 -8.60 -3.61
C LYS A 32 31.57 -8.41 -4.75
N GLN A 33 31.38 -9.15 -5.85
CA GLN A 33 32.28 -9.03 -6.99
C GLN A 33 32.03 -7.73 -7.74
N LEU A 34 30.76 -7.42 -8.01
CA LEU A 34 30.45 -6.28 -8.89
C LEU A 34 30.64 -4.94 -8.22
N LEU A 35 30.43 -4.84 -6.91
CA LEU A 35 30.46 -3.54 -6.26
C LEU A 35 31.82 -3.17 -5.69
N GLU A 36 32.74 -4.13 -5.52
CA GLU A 36 34.03 -3.81 -4.91
CA GLU A 36 34.04 -3.82 -4.92
C GLU A 36 34.72 -2.62 -5.56
N PRO A 37 34.82 -2.50 -6.89
CA PRO A 37 35.50 -1.32 -7.45
C PRO A 37 34.76 -0.02 -7.19
N TYR A 38 33.51 -0.06 -6.75
CA TYR A 38 32.66 1.13 -6.67
C TYR A 38 32.28 1.53 -5.25
N ILE A 39 32.79 0.84 -4.23
CA ILE A 39 32.61 1.25 -2.84
C ILE A 39 33.94 1.85 -2.41
N HIS A 40 34.04 3.17 -2.46
CA HIS A 40 35.34 3.82 -2.29
C HIS A 40 35.74 4.04 -0.84
N GLY A 41 34.88 3.69 0.11
CA GLY A 41 35.22 3.83 1.50
C GLY A 41 34.85 2.60 2.30
N GLN A 42 34.99 2.68 3.63
CA GLN A 42 34.75 1.53 4.49
C GLN A 42 33.28 1.33 4.81
N GLN A 43 32.46 2.36 4.72
CA GLN A 43 31.11 2.33 5.26
C GLN A 43 30.07 2.41 4.16
N VAL A 44 29.02 1.60 4.31
CA VAL A 44 27.88 1.56 3.38
C VAL A 44 26.61 1.69 4.20
N MET A 45 25.74 2.62 3.81
CA MET A 45 24.39 2.72 4.36
C MET A 45 23.39 2.18 3.34
N ILE A 46 22.74 1.07 3.68
CA ILE A 46 21.72 0.50 2.82
C ILE A 46 20.37 1.10 3.22
N VAL A 47 19.75 1.82 2.29
CA VAL A 47 18.40 2.35 2.49
C VAL A 47 17.42 1.46 1.72
N SER A 48 16.38 1.00 2.41
CA SER A 48 15.36 0.17 1.80
C SER A 48 14.03 0.50 2.46
N ASN A 49 13.01 -0.34 2.24
CA ASN A 49 11.74 -0.15 2.91
C ASN A 49 11.28 -1.48 3.52
N VAL A 50 10.17 -1.44 4.26
CA VAL A 50 9.70 -2.62 4.98
C VAL A 50 9.28 -3.76 4.07
N THR A 51 9.06 -3.50 2.78
CA THR A 51 8.67 -4.55 1.84
C THR A 51 9.88 -5.20 1.17
N VAL A 52 10.85 -4.39 0.75
CA VAL A 52 11.98 -4.90 -0.01
C VAL A 52 13.04 -5.49 0.92
N ALA A 53 13.23 -4.88 2.09
CA ALA A 53 14.30 -5.31 2.99
C ALA A 53 14.19 -6.77 3.41
N PRO A 54 13.05 -7.27 3.90
CA PRO A 54 13.01 -8.69 4.27
C PRO A 54 13.32 -9.62 3.12
N LEU A 55 13.12 -9.16 1.89
CA LEU A 55 13.37 -10.01 0.73
C LEU A 55 14.84 -10.01 0.34
N TYR A 56 15.48 -8.84 0.29
CA TYR A 56 16.78 -8.72 -0.37
C TYR A 56 17.87 -8.04 0.44
N LEU A 57 17.56 -7.49 1.61
CA LEU A 57 18.57 -6.73 2.36
C LEU A 57 19.74 -7.62 2.77
N SER A 58 19.46 -8.78 3.36
CA SER A 58 20.56 -9.61 3.86
C SER A 58 21.49 -10.03 2.72
N HIS A 59 20.92 -10.27 1.54
CA HIS A 59 21.73 -10.57 0.35
C HIS A 59 22.83 -9.53 0.13
N TYR A 60 22.47 -8.24 0.16
CA TYR A 60 23.48 -7.20 -0.02
C TYR A 60 24.28 -6.96 1.24
N GLN A 61 23.65 -7.03 2.42
CA GLN A 61 24.44 -6.78 3.62
C GLN A 61 25.52 -7.85 3.79
N GLU A 62 25.17 -9.12 3.61
CA GLU A 62 26.14 -10.19 3.80
C GLU A 62 27.27 -10.10 2.77
N ALA A 63 26.97 -9.67 1.56
CA ALA A 63 28.01 -9.56 0.54
C ALA A 63 29.00 -8.46 0.87
N LEU A 64 28.50 -7.29 1.31
CA LEU A 64 29.40 -6.18 1.61
C LEU A 64 30.15 -6.40 2.92
N GLU A 65 29.54 -7.11 3.88
CA GLU A 65 30.26 -7.43 5.10
C GLU A 65 31.36 -8.45 4.84
N SER A 66 31.10 -9.41 3.97
CA SER A 66 32.16 -10.33 3.54
CA SER A 66 32.18 -10.32 3.58
C SER A 66 33.28 -9.59 2.82
N LEU A 67 32.96 -8.46 2.20
CA LEU A 67 33.95 -7.60 1.57
C LEU A 67 34.76 -6.82 2.57
N GLY A 68 34.33 -6.81 3.83
CA GLY A 68 35.03 -6.08 4.88
C GLY A 68 34.44 -4.74 5.21
N LYS A 69 33.30 -4.39 4.61
CA LYS A 69 32.69 -3.10 4.83
C LYS A 69 31.87 -3.10 6.11
N THR A 70 31.72 -1.91 6.68
CA THR A 70 30.80 -1.65 7.77
C THR A 70 29.46 -1.24 7.18
N VAL A 71 28.41 -2.02 7.45
CA VAL A 71 27.11 -1.82 6.83
C VAL A 71 26.12 -1.41 7.91
N ALA A 72 25.45 -0.28 7.69
CA ALA A 72 24.31 0.11 8.51
C ALA A 72 23.09 0.14 7.60
N THR A 73 21.90 0.22 8.19
CA THR A 73 20.69 0.21 7.38
C THR A 73 19.72 1.28 7.84
N CYS A 74 18.85 1.67 6.92
CA CYS A 74 17.75 2.57 7.21
C CYS A 74 16.56 2.01 6.46
N ILE A 75 15.57 1.49 7.18
CA ILE A 75 14.40 0.84 6.58
C ILE A 75 13.19 1.75 6.74
N LEU A 76 12.66 2.23 5.61
CA LEU A 76 11.58 3.21 5.57
C LEU A 76 10.22 2.54 5.40
N PRO A 77 9.13 3.22 5.73
CA PRO A 77 7.82 2.70 5.34
C PRO A 77 7.70 2.65 3.82
N ASP A 78 6.76 1.85 3.35
CA ASP A 78 6.55 1.62 1.93
C ASP A 78 5.46 2.56 1.46
N GLY A 79 5.80 3.47 0.55
CA GLY A 79 4.76 4.27 -0.07
C GLY A 79 5.24 5.59 -0.61
N GLU A 80 4.68 5.97 -1.76
CA GLU A 80 4.94 7.30 -2.31
C GLU A 80 4.59 8.39 -1.31
N LYS A 81 3.57 8.19 -0.47
CA LYS A 81 3.17 9.25 0.45
C LYS A 81 4.21 9.53 1.52
N TYR A 82 5.21 8.66 1.72
CA TYR A 82 6.27 8.89 2.69
C TYR A 82 7.53 9.48 2.05
N LYS A 83 7.44 9.87 0.79
CA LYS A 83 8.58 10.38 0.04
C LYS A 83 8.67 11.89 0.27
N ASP A 84 8.97 12.24 1.52
CA ASP A 84 8.94 13.63 1.96
C ASP A 84 10.11 13.91 2.89
N ILE A 85 10.21 15.16 3.33
CA ILE A 85 11.41 15.57 4.05
C ILE A 85 11.44 14.95 5.45
N GLN A 86 10.28 14.69 6.04
CA GLN A 86 10.27 14.03 7.35
C GLN A 86 10.92 12.64 7.27
N HIS A 87 10.66 11.90 6.21
CA HIS A 87 11.26 10.57 6.09
C HIS A 87 12.66 10.62 5.51
N LEU A 88 12.96 11.63 4.68
CA LEU A 88 14.35 11.88 4.33
C LEU A 88 15.21 12.02 5.59
N ASN A 89 14.66 12.69 6.60
CA ASN A 89 15.41 12.91 7.83
C ASN A 89 15.79 11.62 8.53
N LEU A 90 14.96 10.57 8.40
CA LEU A 90 15.30 9.30 9.02
C LEU A 90 16.60 8.75 8.46
N ILE A 91 16.87 9.02 7.19
CA ILE A 91 18.14 8.57 6.61
C ILE A 91 19.30 9.34 7.24
N PHE A 92 19.16 10.67 7.40
CA PHE A 92 20.20 11.43 8.08
C PHE A 92 20.39 10.95 9.51
N ASP A 93 19.29 10.64 10.21
CA ASP A 93 19.39 10.06 11.55
C ASP A 93 20.27 8.82 11.53
N ALA A 94 19.96 7.89 10.62
CA ALA A 94 20.71 6.63 10.58
C ALA A 94 22.17 6.88 10.23
N LEU A 95 22.43 7.81 9.31
CA LEU A 95 23.80 8.09 8.90
C LEU A 95 24.62 8.66 10.05
N LEU A 96 24.03 9.58 10.80
CA LEU A 96 24.79 10.17 11.91
C LEU A 96 24.84 9.24 13.11
N GLU A 97 23.78 8.47 13.36
CA GLU A 97 23.84 7.47 14.42
C GLU A 97 24.97 6.47 14.20
N ALA A 98 25.21 6.12 12.94
CA ALA A 98 26.27 5.18 12.60
C ALA A 98 27.64 5.83 12.55
N GLY A 99 27.73 7.15 12.71
CA GLY A 99 29.01 7.83 12.63
C GLY A 99 29.67 7.82 11.27
N PHE A 100 28.88 7.84 10.19
CA PHE A 100 29.47 7.69 8.87
C PHE A 100 30.13 8.98 8.43
N ASN A 101 31.20 8.86 7.64
CA ASN A 101 32.04 9.98 7.24
CA ASN A 101 31.98 10.02 7.25
C ASN A 101 31.81 10.35 5.77
N ARG A 102 32.60 11.33 5.31
CA ARG A 102 32.50 11.88 3.95
C ARG A 102 32.68 10.83 2.85
N ASP A 103 33.38 9.72 3.12
CA ASP A 103 33.62 8.74 2.07
CA ASP A 103 33.64 8.72 2.11
C ASP A 103 32.70 7.52 2.18
N CYS A 104 31.62 7.62 2.96
CA CYS A 104 30.69 6.50 3.02
C CYS A 104 29.91 6.41 1.72
N THR A 105 29.21 5.29 1.53
CA THR A 105 28.36 5.08 0.36
C THR A 105 26.93 4.85 0.82
N VAL A 106 25.99 5.54 0.19
CA VAL A 106 24.56 5.29 0.39
C VAL A 106 24.10 4.38 -0.73
N LEU A 107 23.51 3.23 -0.38
CA LEU A 107 23.07 2.24 -1.34
C LEU A 107 21.54 2.18 -1.33
N ALA A 108 20.92 2.53 -2.46
CA ALA A 108 19.47 2.53 -2.57
C ALA A 108 19.01 1.13 -2.97
N LEU A 109 18.34 0.42 -2.05
CA LEU A 109 17.81 -0.93 -2.31
C LEU A 109 16.29 -0.85 -2.34
N GLY A 110 15.72 -0.81 -3.53
CA GLY A 110 14.28 -0.67 -3.65
C GLY A 110 13.88 -0.10 -5.00
N GLY A 111 12.64 0.34 -5.06
CA GLY A 111 12.12 0.95 -6.26
C GLY A 111 12.53 2.41 -6.39
N GLY A 112 11.79 3.11 -7.25
CA GLY A 112 12.15 4.50 -7.55
C GLY A 112 11.96 5.44 -6.38
N VAL A 113 11.02 5.13 -5.48
CA VAL A 113 10.85 5.97 -4.30
C VAL A 113 12.11 5.93 -3.46
N ILE A 114 12.61 4.73 -3.18
CA ILE A 114 13.84 4.59 -2.41
C ILE A 114 15.02 5.17 -3.16
N GLY A 115 15.07 4.94 -4.48
CA GLY A 115 16.18 5.47 -5.26
C GLY A 115 16.26 6.98 -5.15
N ASP A 116 15.12 7.66 -5.24
CA ASP A 116 15.11 9.12 -5.15
C ASP A 116 15.46 9.60 -3.75
N MET A 117 14.90 8.94 -2.73
CA MET A 117 15.13 9.39 -1.36
CA MET A 117 15.13 9.37 -1.35
C MET A 117 16.59 9.17 -0.96
N ALA A 118 17.10 7.96 -1.18
CA ALA A 118 18.49 7.68 -0.83
C ALA A 118 19.45 8.52 -1.66
N GLY A 119 19.15 8.71 -2.94
CA GLY A 119 19.98 9.56 -3.78
C GLY A 119 20.06 10.98 -3.26
N PHE A 120 18.90 11.57 -2.94
CA PHE A 120 18.88 12.94 -2.41
C PHE A 120 19.61 13.01 -1.07
N ALA A 121 19.37 12.04 -0.18
CA ALA A 121 20.09 11.98 1.09
C ALA A 121 21.59 11.92 0.87
N SER A 122 22.04 11.15 -0.13
CA SER A 122 23.48 11.03 -0.37
C SER A 122 24.06 12.34 -0.86
N ALA A 123 23.26 13.16 -1.54
CA ALA A 123 23.77 14.44 -2.01
C ALA A 123 23.92 15.43 -0.87
N CYS A 124 23.07 15.33 0.15
CA CYS A 124 23.06 16.29 1.26
C CYS A 124 23.99 15.92 2.39
N PHE A 125 24.20 14.63 2.64
CA PHE A 125 25.01 14.23 3.78
C PHE A 125 26.45 14.67 3.59
N GLN A 126 26.95 15.48 4.52
CA GLN A 126 28.31 16.04 4.44
C GLN A 126 28.54 16.79 3.13
N ARG A 127 27.45 17.29 2.54
CA ARG A 127 27.44 18.01 1.26
C ARG A 127 27.78 17.11 0.09
N GLY A 128 27.67 15.81 0.26
CA GLY A 128 27.77 14.88 -0.85
C GLY A 128 28.65 13.70 -0.53
N VAL A 129 28.05 12.50 -0.48
CA VAL A 129 28.83 11.28 -0.35
C VAL A 129 28.54 10.41 -1.57
N TYR A 130 29.01 9.16 -1.54
CA TYR A 130 28.87 8.29 -2.69
C TYR A 130 27.50 7.64 -2.72
N PHE A 131 27.06 7.28 -3.92
CA PHE A 131 25.72 6.79 -4.15
C PHE A 131 25.78 5.56 -5.05
N VAL A 132 25.06 4.51 -4.66
CA VAL A 132 24.97 3.29 -5.45
C VAL A 132 23.49 2.94 -5.57
N GLN A 133 23.08 2.54 -6.78
CA GLN A 133 21.69 2.21 -7.07
C GLN A 133 21.53 0.71 -7.24
N VAL A 134 20.61 0.12 -6.48
CA VAL A 134 20.20 -1.26 -6.72
C VAL A 134 18.70 -1.26 -6.91
N PRO A 135 18.22 -0.90 -8.10
CA PRO A 135 16.77 -0.82 -8.33
C PRO A 135 16.13 -2.20 -8.40
N THR A 136 15.01 -2.35 -7.69
CA THR A 136 14.34 -3.63 -7.57
C THR A 136 12.94 -3.63 -8.20
N THR A 137 12.54 -2.54 -8.88
CA THR A 137 11.36 -2.58 -9.74
C THR A 137 11.80 -2.44 -11.19
N LEU A 138 10.96 -2.96 -12.09
CA LEU A 138 11.28 -2.84 -13.50
C LEU A 138 11.32 -1.36 -13.91
N LEU A 139 10.38 -0.57 -13.42
CA LEU A 139 10.33 0.84 -13.75
C LEU A 139 11.60 1.56 -13.29
N SER A 140 12.05 1.30 -12.06
CA SER A 140 13.27 1.97 -11.59
C SER A 140 14.50 1.47 -12.35
N GLN A 141 14.49 0.21 -12.79
CA GLN A 141 15.59 -0.31 -13.59
C GLN A 141 15.72 0.37 -14.94
N VAL A 142 14.60 0.76 -15.57
CA VAL A 142 14.67 1.32 -16.92
C VAL A 142 14.48 2.83 -16.95
N ASP A 143 14.20 3.44 -15.80
CA ASP A 143 13.90 4.88 -15.78
C ASP A 143 14.76 5.59 -14.74
N SER A 144 14.77 5.08 -13.51
CA SER A 144 15.50 5.75 -12.44
C SER A 144 17.02 5.58 -12.54
N SER A 145 17.50 4.69 -13.41
CA SER A 145 18.90 4.31 -13.43
C SER A 145 19.74 5.23 -14.31
N VAL A 146 19.12 6.10 -15.10
CA VAL A 146 19.82 7.08 -15.90
C VAL A 146 19.16 8.43 -15.68
N GLY A 147 19.97 9.47 -15.53
CA GLY A 147 19.44 10.82 -15.55
C GLY A 147 19.95 11.69 -14.43
N GLY A 148 20.30 11.06 -13.32
CA GLY A 148 20.89 11.75 -12.19
C GLY A 148 19.93 12.53 -11.32
N LYS A 149 18.65 12.55 -11.65
CA LYS A 149 17.69 13.30 -10.86
C LYS A 149 17.36 12.51 -9.59
N THR A 150 17.39 13.21 -8.46
CA THR A 150 16.87 12.68 -7.22
C THR A 150 15.95 13.74 -6.64
N GLY A 151 15.06 13.32 -5.76
CA GLY A 151 14.07 14.28 -5.29
C GLY A 151 13.13 13.66 -4.28
N ILE A 152 12.35 14.52 -3.66
CA ILE A 152 11.27 14.13 -2.78
C ILE A 152 10.10 15.06 -3.03
N ASN A 153 8.97 14.73 -2.42
CA ASN A 153 7.76 15.52 -2.59
C ASN A 153 7.65 16.57 -1.49
N HIS A 154 6.88 17.60 -1.78
CA HIS A 154 6.36 18.58 -0.86
C HIS A 154 4.84 18.54 -0.94
N PRO A 155 4.14 18.81 0.17
CA PRO A 155 2.67 18.85 0.11
C PRO A 155 2.12 19.69 -1.03
N LEU A 156 2.86 20.71 -1.47
CA LEU A 156 2.40 21.59 -2.53
C LEU A 156 2.99 21.26 -3.89
N GLY A 157 3.84 20.24 -3.99
CA GLY A 157 4.40 19.92 -5.28
C GLY A 157 5.27 18.69 -5.28
N LYS A 158 5.02 17.78 -6.21
CA LYS A 158 5.79 16.55 -6.25
C LYS A 158 7.15 16.79 -6.90
N ASN A 159 8.17 16.09 -6.37
CA ASN A 159 9.53 16.14 -6.90
C ASN A 159 10.01 17.58 -7.09
N MET A 160 9.69 18.44 -6.12
CA MET A 160 10.10 19.84 -6.17
C MET A 160 11.33 20.11 -5.33
N LEU A 161 11.83 19.13 -4.58
CA LEU A 161 13.00 19.26 -3.75
C LEU A 161 13.94 18.12 -4.12
N GLY A 162 15.21 18.42 -4.34
CA GLY A 162 16.12 17.35 -4.67
C GLY A 162 17.48 17.85 -5.11
N ALA A 163 18.18 16.97 -5.82
CA ALA A 163 19.55 17.22 -6.20
C ALA A 163 19.86 16.38 -7.43
N PHE A 164 20.76 16.87 -8.24
CA PHE A 164 21.34 16.01 -9.28
C PHE A 164 22.46 15.21 -8.62
N GLN A 165 22.39 13.90 -8.75
CA GLN A 165 23.32 13.02 -8.05
C GLN A 165 23.47 11.75 -8.87
N GLN A 166 24.65 11.51 -9.36
CA GLN A 166 24.85 10.33 -10.19
C GLN A 166 25.39 9.18 -9.34
N PRO A 167 25.01 7.94 -9.64
CA PRO A 167 25.54 6.80 -8.91
C PRO A 167 26.94 6.43 -9.37
N GLN A 168 27.68 5.75 -8.48
CA GLN A 168 28.95 5.16 -8.87
C GLN A 168 28.75 3.93 -9.75
N VAL A 169 27.62 3.27 -9.59
CA VAL A 169 27.29 2.02 -10.26
C VAL A 169 25.80 1.76 -10.03
N VAL A 170 25.16 1.10 -11.00
CA VAL A 170 23.81 0.60 -10.86
C VAL A 170 23.85 -0.91 -11.06
N LEU A 171 23.24 -1.64 -10.15
CA LEU A 171 23.18 -3.10 -10.21
C LEU A 171 21.73 -3.49 -10.44
N ALA A 172 21.43 -4.05 -11.61
CA ALA A 172 20.05 -4.40 -12.00
C ALA A 172 19.93 -5.91 -12.13
N ASP A 173 19.41 -6.57 -11.09
CA ASP A 173 19.32 -8.02 -11.03
C ASP A 173 17.89 -8.44 -11.31
N MET A 174 17.69 -9.09 -12.46
CA MET A 174 16.34 -9.45 -12.89
C MET A 174 15.64 -10.39 -11.92
N ALA A 175 16.40 -11.20 -11.17
CA ALA A 175 15.78 -12.15 -10.27
C ALA A 175 14.92 -11.46 -9.22
N GLN A 176 15.29 -10.25 -8.81
CA GLN A 176 14.49 -9.50 -7.86
C GLN A 176 13.11 -9.17 -8.39
N LEU A 177 12.92 -9.15 -9.70
CA LEU A 177 11.59 -8.91 -10.27
C LEU A 177 10.62 -10.06 -10.01
N ASN A 178 11.12 -11.23 -9.59
CA ASN A 178 10.23 -12.37 -9.39
C ASN A 178 9.22 -12.16 -8.27
N THR A 179 9.51 -11.28 -7.31
CA THR A 179 8.60 -11.00 -6.20
C THR A 179 7.79 -9.74 -6.42
N LEU A 180 7.99 -9.07 -7.55
CA LEU A 180 7.26 -7.84 -7.84
C LEU A 180 5.80 -8.16 -8.13
N PRO A 181 4.86 -7.38 -7.61
CA PRO A 181 3.45 -7.56 -7.98
C PRO A 181 3.25 -7.40 -9.49
N GLU A 182 2.27 -8.13 -10.03
CA GLU A 182 2.05 -8.17 -11.47
C GLU A 182 1.79 -6.78 -12.04
N ARG A 183 0.96 -5.98 -11.36
CA ARG A 183 0.70 -4.63 -11.84
C ARG A 183 1.97 -3.79 -11.88
N GLU A 184 2.89 -4.00 -10.93
CA GLU A 184 4.12 -3.23 -10.95
C GLU A 184 5.01 -3.64 -12.12
N LEU A 185 5.11 -4.95 -12.37
CA LEU A 185 5.85 -5.40 -13.55
C LEU A 185 5.29 -4.77 -14.82
N SER A 186 3.97 -4.85 -15.01
CA SER A 186 3.36 -4.24 -16.19
C SER A 186 3.64 -2.73 -16.24
N ALA A 187 3.60 -2.07 -15.09
CA ALA A 187 3.90 -0.63 -15.05
C ALA A 187 5.30 -0.34 -15.58
N GLY A 188 6.26 -1.20 -15.27
CA GLY A 188 7.58 -1.06 -15.85
C GLY A 188 7.59 -1.28 -17.35
N LEU A 189 6.85 -2.28 -17.83
CA LEU A 189 6.82 -2.56 -19.26
C LEU A 189 6.19 -1.40 -20.04
N ALA A 190 5.32 -0.63 -19.39
CA ALA A 190 4.81 0.59 -20.03
C ALA A 190 5.94 1.53 -20.41
N GLU A 191 6.93 1.68 -19.53
CA GLU A 191 8.03 2.56 -19.87
C GLU A 191 8.91 1.93 -20.94
N VAL A 192 9.06 0.59 -20.92
CA VAL A 192 9.81 -0.08 -21.97
C VAL A 192 9.15 0.15 -23.32
N ILE A 193 7.83 -0.08 -23.39
CA ILE A 193 7.07 0.19 -24.60
C ILE A 193 7.24 1.63 -25.04
N LYS A 194 7.26 2.56 -24.06
CA LYS A 194 7.39 3.98 -24.37
C LYS A 194 8.65 4.25 -25.17
N TYR A 195 9.80 3.71 -24.72
CA TYR A 195 11.04 3.93 -25.45
C TYR A 195 10.93 3.45 -26.88
N ALA A 196 10.30 2.30 -27.10
CA ALA A 196 10.14 1.80 -28.46
C ALA A 196 9.24 2.73 -29.27
N LEU A 197 8.14 3.19 -28.68
CA LEU A 197 7.18 4.00 -29.44
C LEU A 197 7.75 5.38 -29.78
N LEU A 198 8.56 5.95 -28.89
CA LEU A 198 9.07 7.29 -29.16
C LEU A 198 10.26 7.30 -30.11
N GLY A 199 11.03 6.22 -30.19
CA GLY A 199 12.24 6.32 -30.98
C GLY A 199 12.88 5.05 -31.53
N ASP A 200 12.19 3.91 -31.54
CA ASP A 200 12.85 2.67 -31.99
C ASP A 200 11.80 1.66 -32.43
N GLU A 201 11.44 1.70 -33.71
CA GLU A 201 10.43 0.77 -34.19
C GLU A 201 10.96 -0.67 -34.20
N ASP A 202 12.27 -0.86 -34.44
CA ASP A 202 12.84 -2.19 -34.32
C ASP A 202 12.65 -2.75 -32.91
N PHE A 203 12.83 -1.91 -31.88
CA PHE A 203 12.58 -2.33 -30.52
C PHE A 203 11.11 -2.71 -30.34
N LEU A 204 10.20 -1.96 -30.97
CA LEU A 204 8.79 -2.33 -30.92
C LEU A 204 8.58 -3.73 -31.47
N VAL A 205 9.15 -4.03 -32.65
CA VAL A 205 9.04 -5.35 -33.23
C VAL A 205 9.53 -6.41 -32.25
N TRP A 206 10.65 -6.15 -31.60
CA TRP A 206 11.19 -7.13 -30.66
C TRP A 206 10.25 -7.32 -29.48
N LEU A 207 9.64 -6.24 -28.99
CA LEU A 207 8.68 -6.36 -27.90
C LEU A 207 7.46 -7.16 -28.31
N GLU A 208 6.98 -6.96 -29.54
CA GLU A 208 5.85 -7.73 -30.03
C GLU A 208 6.18 -9.21 -30.10
N GLU A 209 7.42 -9.54 -30.49
CA GLU A 209 7.81 -10.94 -30.59
C GLU A 209 8.04 -11.59 -29.22
N ASN A 210 8.36 -10.80 -28.20
CA ASN A 210 8.85 -11.35 -26.94
C ASN A 210 8.00 -10.98 -25.73
N MET A 211 6.83 -10.37 -25.93
CA MET A 211 6.10 -9.84 -24.79
C MET A 211 5.57 -10.94 -23.89
N ASP A 212 5.16 -12.08 -24.46
CA ASP A 212 4.68 -13.18 -23.64
C ASP A 212 5.71 -13.58 -22.60
N GLY A 213 6.98 -13.63 -22.99
CA GLY A 213 8.03 -14.03 -22.07
C GLY A 213 8.43 -12.95 -21.09
N LEU A 214 8.25 -11.69 -21.48
CA LEU A 214 8.55 -10.61 -20.54
C LEU A 214 7.51 -10.58 -19.42
N VAL A 215 6.23 -10.69 -19.77
CA VAL A 215 5.19 -10.81 -18.76
C VAL A 215 5.43 -12.03 -17.88
N ALA A 216 5.93 -13.11 -18.49
CA ALA A 216 6.26 -14.33 -17.77
C ALA A 216 7.53 -14.22 -16.95
N ARG A 217 8.25 -13.10 -17.06
CA ARG A 217 9.48 -12.83 -16.30
C ARG A 217 10.64 -13.72 -16.71
N ASP A 218 10.74 -13.98 -18.02
CA ASP A 218 11.94 -14.63 -18.56
C ASP A 218 13.18 -13.78 -18.25
N ALA A 219 14.13 -14.37 -17.51
CA ALA A 219 15.27 -13.58 -17.03
C ALA A 219 16.09 -13.00 -18.18
N ASP A 220 16.31 -13.78 -19.24
CA ASP A 220 17.14 -13.29 -20.33
C ASP A 220 16.45 -12.19 -21.13
N LEU A 221 15.16 -12.36 -21.43
CA LEU A 221 14.43 -11.32 -22.16
C LEU A 221 14.30 -10.04 -21.34
N LEU A 222 13.97 -10.16 -20.04
CA LEU A 222 13.94 -8.98 -19.19
C LEU A 222 15.26 -8.22 -19.26
N ALA A 223 16.37 -8.96 -19.21
CA ALA A 223 17.67 -8.30 -19.20
C ALA A 223 17.92 -7.54 -20.50
N GLU A 224 17.48 -8.11 -21.63
CA GLU A 224 17.63 -7.41 -22.91
C GLU A 224 16.75 -6.18 -22.96
N ALA A 225 15.51 -6.29 -22.47
CA ALA A 225 14.63 -5.13 -22.48
C ALA A 225 15.18 -4.01 -21.61
N VAL A 226 15.76 -4.38 -20.46
CA VAL A 226 16.33 -3.38 -19.56
C VAL A 226 17.55 -2.73 -20.19
N TYR A 227 18.43 -3.53 -20.79
CA TYR A 227 19.62 -2.99 -21.45
C TYR A 227 19.22 -2.04 -22.57
N ARG A 228 18.29 -2.45 -23.41
CA ARG A 228 17.90 -1.60 -24.53
C ARG A 228 17.16 -0.35 -24.06
N SER A 229 16.37 -0.46 -22.99
CA SER A 229 15.69 0.73 -22.46
C SER A 229 16.68 1.72 -21.88
N CYS A 230 17.60 1.24 -21.03
CA CYS A 230 18.61 2.13 -20.44
C CYS A 230 19.50 2.74 -21.51
N ALA A 231 19.87 1.97 -22.52
CA ALA A 231 20.67 2.51 -23.61
C ALA A 231 19.95 3.66 -24.30
N HIS A 232 18.64 3.52 -24.52
CA HIS A 232 17.88 4.59 -25.17
C HIS A 232 17.86 5.85 -24.31
N LYS A 233 17.55 5.70 -23.02
CA LYS A 233 17.49 6.90 -22.18
C LYS A 233 18.86 7.53 -22.03
N ALA A 234 19.91 6.72 -21.83
CA ALA A 234 21.25 7.28 -21.74
C ALA A 234 21.61 8.04 -23.01
N ARG A 235 21.17 7.55 -24.17
CA ARG A 235 21.47 8.23 -25.42
C ARG A 235 20.70 9.54 -25.52
N ILE A 236 19.44 9.54 -25.06
CA ILE A 236 18.62 10.73 -25.16
C ILE A 236 19.17 11.84 -24.26
N VAL A 237 19.49 11.52 -23.01
CA VAL A 237 19.99 12.53 -22.10
C VAL A 237 21.37 13.02 -22.52
N ALA A 238 22.23 12.11 -23.02
CA ALA A 238 23.55 12.53 -23.47
C ALA A 238 23.46 13.42 -24.69
N ASN A 239 22.58 13.08 -25.63
CA ASN A 239 22.37 13.93 -26.79
C ASN A 239 21.72 15.26 -26.38
N ASP A 240 20.81 15.21 -25.41
CA ASP A 240 20.20 16.45 -24.92
C ASP A 240 21.24 17.39 -24.33
N GLU A 241 22.20 16.83 -23.58
CA GLU A 241 23.30 17.64 -23.06
C GLU A 241 24.15 18.22 -24.20
N LYS A 242 24.22 17.50 -25.32
CA LYS A 242 24.92 18.00 -26.50
C LYS A 242 23.98 18.88 -27.34
N GLU A 246 15.49 15.78 -28.17
CA GLU A 246 15.43 16.40 -26.85
C GLU A 246 14.94 15.41 -25.80
N ARG A 247 15.25 15.73 -24.54
CA ARG A 247 14.79 14.94 -23.40
C ARG A 247 13.28 14.96 -23.28
N ALA A 248 12.61 15.99 -23.81
CA ALA A 248 11.17 16.10 -23.68
C ALA A 248 10.41 14.96 -24.36
N LEU A 249 11.04 14.27 -25.32
CA LEU A 249 10.38 13.12 -25.93
C LEU A 249 10.13 12.01 -24.92
N LEU A 250 10.89 11.98 -23.82
CA LEU A 250 10.61 11.02 -22.76
C LEU A 250 9.24 11.20 -22.14
N ASN A 251 8.54 12.29 -22.44
CA ASN A 251 7.23 12.58 -21.89
C ASN A 251 6.08 11.98 -22.69
N LEU A 252 6.37 11.14 -23.68
CA LEU A 252 5.30 10.51 -24.45
C LEU A 252 4.27 9.90 -23.52
N GLY A 253 3.00 10.27 -23.71
CA GLY A 253 1.91 9.80 -22.89
C GLY A 253 1.77 10.46 -21.53
N HIS A 254 2.74 11.29 -21.12
CA HIS A 254 2.74 11.75 -19.74
C HIS A 254 1.78 12.92 -19.50
N THR A 255 1.50 13.77 -20.49
CA THR A 255 0.57 14.85 -20.24
C THR A 255 -0.85 14.31 -20.07
N PHE A 256 -1.25 13.41 -20.96
CA PHE A 256 -2.51 12.69 -20.77
C PHE A 256 -2.48 11.89 -19.46
N GLY A 257 -1.40 11.15 -19.23
CA GLY A 257 -1.36 10.29 -18.05
C GLY A 257 -1.45 11.07 -16.75
N HIS A 258 -0.80 12.23 -16.70
CA HIS A 258 -0.83 13.05 -15.49
C HIS A 258 -2.25 13.47 -15.14
N ALA A 259 -3.06 13.78 -16.17
CA ALA A 259 -4.45 14.14 -15.88
C ALA A 259 -5.23 12.95 -15.37
N ILE A 260 -4.94 11.76 -15.89
CA ILE A 260 -5.58 10.54 -15.38
C ILE A 260 -5.25 10.36 -13.91
N GLU A 261 -3.93 10.33 -13.58
CA GLU A 261 -3.50 10.14 -12.19
C GLU A 261 -4.10 11.20 -11.27
N SER A 262 -4.06 12.46 -11.71
CA SER A 262 -4.53 13.54 -10.84
C SER A 262 -6.02 13.39 -10.55
N TYR A 263 -6.80 12.96 -11.53
CA TYR A 263 -8.22 12.82 -11.29
C TYR A 263 -8.54 11.57 -10.47
N LEU A 264 -7.90 10.44 -10.80
CA LEU A 264 -8.19 9.20 -10.08
C LEU A 264 -7.66 9.23 -8.65
N GLY A 265 -6.61 9.99 -8.39
CA GLY A 265 -6.11 10.17 -7.04
C GLY A 265 -5.03 9.17 -6.68
N TYR A 266 -4.38 9.46 -5.56
CA TYR A 266 -3.25 8.67 -5.09
C TYR A 266 -3.60 7.20 -5.01
N GLY A 267 -2.77 6.37 -5.63
CA GLY A 267 -2.86 4.93 -5.47
C GLY A 267 -3.98 4.25 -6.24
N THR A 268 -4.77 4.98 -7.03
CA THR A 268 -5.82 4.32 -7.79
C THR A 268 -5.22 3.56 -8.97
N TRP A 269 -4.46 4.25 -9.80
CA TRP A 269 -3.72 3.67 -10.90
C TRP A 269 -2.23 3.84 -10.62
N LEU A 270 -1.43 2.91 -11.11
CA LEU A 270 0.00 3.11 -11.08
C LEU A 270 0.38 4.13 -12.14
N HIS A 271 1.49 4.84 -11.91
CA HIS A 271 1.95 5.80 -12.91
C HIS A 271 2.11 5.18 -14.29
N GLY A 272 2.75 4.00 -14.35
CA GLY A 272 2.91 3.34 -15.64
C GLY A 272 1.59 2.95 -16.29
N GLU A 273 0.56 2.68 -15.49
CA GLU A 273 -0.74 2.39 -16.07
C GLU A 273 -1.33 3.64 -16.72
N ALA A 274 -1.12 4.80 -16.09
CA ALA A 274 -1.60 6.05 -16.66
C ALA A 274 -0.81 6.42 -17.91
N VAL A 275 0.50 6.18 -17.89
CA VAL A 275 1.34 6.40 -19.06
C VAL A 275 0.87 5.52 -20.21
N ALA A 276 0.52 4.27 -19.92
CA ALA A 276 0.04 3.36 -20.96
C ALA A 276 -1.17 3.96 -21.69
N THR A 277 -2.21 4.30 -20.95
CA THR A 277 -3.40 4.87 -21.59
C THR A 277 -3.10 6.23 -22.21
N GLY A 278 -2.21 7.01 -21.59
CA GLY A 278 -1.83 8.28 -22.19
C GLY A 278 -1.17 8.11 -23.55
N MET A 279 -0.33 7.07 -23.68
CA MET A 279 0.27 6.77 -24.98
C MET A 279 -0.81 6.42 -26.00
N VAL A 280 -1.84 5.70 -25.58
CA VAL A 280 -2.94 5.41 -26.51
C VAL A 280 -3.62 6.70 -26.95
N MET A 281 -3.88 7.61 -25.99
CA MET A 281 -4.49 8.89 -26.36
C MET A 281 -3.59 9.69 -27.30
N ALA A 282 -2.28 9.66 -27.05
CA ALA A 282 -1.33 10.34 -27.91
C ALA A 282 -1.36 9.77 -29.33
N ALA A 283 -1.34 8.45 -29.43
CA ALA A 283 -1.41 7.81 -30.74
C ALA A 283 -2.73 8.11 -31.42
N ASP A 284 -3.83 8.07 -30.66
CA ASP A 284 -5.14 8.36 -31.21
C ASP A 284 -5.17 9.78 -31.80
N LEU A 285 -4.79 10.79 -31.01
CA LEU A 285 -4.67 12.16 -31.52
C LEU A 285 -3.79 12.20 -32.77
N SER A 286 -2.63 11.53 -32.73
CA SER A 286 -1.75 11.48 -33.88
C SER A 286 -2.45 10.91 -35.11
N GLN A 287 -3.32 9.90 -34.93
CA GLN A 287 -4.11 9.41 -36.06
C GLN A 287 -5.12 10.46 -36.54
N ARG A 288 -5.75 11.17 -35.61
CA ARG A 288 -6.71 12.20 -36.00
C ARG A 288 -6.04 13.37 -36.70
N LEU A 289 -4.79 13.66 -36.37
CA LEU A 289 -4.04 14.68 -37.10
C LEU A 289 -3.60 14.21 -38.47
N GLY A 290 -3.81 12.93 -38.79
CA GLY A 290 -3.39 12.39 -40.07
C GLY A 290 -1.95 11.95 -40.12
N TRP A 291 -1.28 11.83 -38.98
CA TRP A 291 0.16 11.53 -38.97
C TRP A 291 0.44 10.04 -38.99
N ILE A 292 -0.32 9.25 -38.23
CA ILE A 292 -0.23 7.80 -38.24
C ILE A 292 -1.60 7.24 -38.63
N SER A 293 -1.62 5.93 -38.90
CA SER A 293 -2.82 5.26 -39.40
C SER A 293 -3.60 4.61 -38.25
N ASN A 294 -4.84 4.21 -38.55
CA ASN A 294 -5.61 3.47 -37.56
C ASN A 294 -4.93 2.16 -37.22
N GLU A 295 -4.28 1.53 -38.21
CA GLU A 295 -3.51 0.31 -37.96
C GLU A 295 -2.39 0.54 -36.96
N ASP A 296 -1.74 1.70 -37.05
CA ASP A 296 -0.69 2.02 -36.07
C ASP A 296 -1.27 2.16 -34.67
N VAL A 297 -2.43 2.79 -34.54
CA VAL A 297 -3.09 2.90 -33.24
C VAL A 297 -3.45 1.51 -32.73
N ALA A 298 -4.07 0.69 -33.60
CA ALA A 298 -4.42 -0.67 -33.21
C ALA A 298 -3.18 -1.43 -32.76
N ARG A 299 -2.07 -1.27 -33.48
CA ARG A 299 -0.83 -1.93 -33.11
C ARG A 299 -0.35 -1.46 -31.74
N THR A 300 -0.49 -0.15 -31.47
CA THR A 300 -0.06 0.40 -30.19
C THR A 300 -0.92 -0.14 -29.05
N LYS A 301 -2.25 -0.19 -29.26
CA LYS A 301 -3.15 -0.74 -28.25
C LYS A 301 -2.83 -2.21 -27.98
N LYS A 302 -2.54 -2.97 -29.02
CA LYS A 302 -2.36 -4.42 -28.86
C LYS A 302 -1.15 -4.75 -27.99
N ILE A 303 -0.01 -4.10 -28.24
CA ILE A 303 1.19 -4.44 -27.47
CA ILE A 303 1.19 -4.43 -27.47
C ILE A 303 1.04 -3.99 -26.02
N ILE A 304 0.39 -2.84 -25.80
CA ILE A 304 0.14 -2.38 -24.44
C ILE A 304 -0.80 -3.33 -23.73
N GLN A 305 -1.86 -3.77 -24.42
CA GLN A 305 -2.77 -4.74 -23.82
C GLN A 305 -2.07 -6.05 -23.50
N ARG A 306 -1.17 -6.50 -24.39
CA ARG A 306 -0.47 -7.76 -24.15
C ARG A 306 0.47 -7.67 -22.95
N ALA A 307 0.92 -6.47 -22.61
CA ALA A 307 1.67 -6.24 -21.39
C ALA A 307 0.78 -6.18 -20.17
N ASN A 308 -0.52 -6.47 -20.33
CA ASN A 308 -1.52 -6.45 -19.26
C ASN A 308 -1.76 -5.05 -18.71
N LEU A 309 -1.56 -4.01 -19.56
CA LEU A 309 -1.82 -2.62 -19.23
C LEU A 309 -3.17 -2.15 -19.76
N PRO A 310 -3.80 -1.18 -19.10
CA PRO A 310 -5.06 -0.62 -19.63
C PRO A 310 -4.81 0.29 -20.82
N ILE A 311 -5.73 0.25 -21.78
CA ILE A 311 -5.72 1.17 -22.91
C ILE A 311 -6.81 2.20 -22.83
N SER A 312 -7.68 2.13 -21.83
CA SER A 312 -8.73 3.11 -21.61
C SER A 312 -8.85 3.34 -20.11
N CYS A 313 -9.21 4.57 -19.74
CA CYS A 313 -9.36 4.93 -18.33
C CYS A 313 -10.82 5.22 -18.03
N PRO A 314 -11.18 5.35 -16.74
CA PRO A 314 -12.58 5.67 -16.41
C PRO A 314 -13.00 7.02 -17.00
N GLN A 315 -14.30 7.29 -16.90
CA GLN A 315 -14.83 8.57 -17.33
C GLN A 315 -14.22 9.69 -16.49
N ILE A 316 -13.71 10.70 -17.17
CA ILE A 316 -13.21 11.91 -16.52
C ILE A 316 -13.75 13.11 -17.30
N PRO A 317 -14.46 14.03 -16.66
CA PRO A 317 -14.94 15.23 -17.36
C PRO A 317 -13.79 15.95 -18.04
N LEU A 318 -14.05 16.40 -19.29
CA LEU A 318 -13.01 17.07 -20.06
C LEU A 318 -12.53 18.35 -19.40
N ASP A 319 -13.45 19.09 -18.75
CA ASP A 319 -13.05 20.30 -18.05
C ASP A 319 -11.97 20.01 -17.03
N ASP A 320 -12.15 18.95 -16.24
CA ASP A 320 -11.14 18.57 -15.26
C ASP A 320 -9.90 18.03 -15.96
N PHE A 321 -10.10 17.18 -16.96
CA PHE A 321 -8.95 16.61 -17.68
C PHE A 321 -8.08 17.72 -18.27
N LEU A 322 -8.70 18.67 -18.98
CA LEU A 322 -7.92 19.74 -19.61
C LEU A 322 -7.29 20.64 -18.55
N GLY A 323 -8.00 20.89 -17.46
CA GLY A 323 -7.42 21.66 -16.36
C GLY A 323 -6.13 21.06 -15.85
N TYR A 324 -6.10 19.72 -15.72
CA TYR A 324 -4.89 19.06 -15.24
C TYR A 324 -3.77 19.13 -16.26
N MET A 325 -4.10 19.07 -17.56
CA MET A 325 -3.07 19.24 -18.58
C MET A 325 -2.55 20.67 -18.64
N ALA A 326 -3.40 21.65 -18.34
CA ALA A 326 -2.98 23.05 -18.35
C ALA A 326 -2.29 23.47 -17.06
N HIS A 327 -2.57 22.79 -15.95
CA HIS A 327 -1.86 23.07 -14.70
C HIS A 327 -0.45 22.50 -14.69
N ASP A 328 -0.17 21.50 -15.52
CA ASP A 328 1.16 20.93 -15.67
C ASP A 328 1.98 21.63 -16.75
N LYS A 329 1.52 22.78 -17.24
CA LYS A 329 2.20 23.48 -18.32
C LYS A 329 3.62 23.84 -17.91
N LYS A 330 4.53 23.77 -18.88
CA LYS A 330 5.95 24.06 -18.61
C LYS A 330 6.13 25.52 -18.19
N VAL A 331 5.52 26.44 -18.92
CA VAL A 331 5.65 27.86 -18.62
C VAL A 331 4.34 28.59 -18.89
N GLN A 335 2.28 28.02 -23.64
CA GLN A 335 1.72 27.27 -24.76
C GLN A 335 1.80 25.75 -24.51
N LEU A 336 0.69 25.05 -24.72
CA LEU A 336 0.62 23.62 -24.43
C LEU A 336 1.31 22.82 -25.54
N ARG A 337 2.35 22.08 -25.19
CA ARG A 337 3.05 21.22 -26.13
C ARG A 337 2.84 19.76 -25.72
N LEU A 338 2.54 18.92 -26.70
CA LEU A 338 2.32 17.50 -26.48
C LEU A 338 3.40 16.69 -27.19
N VAL A 339 3.70 15.52 -26.63
CA VAL A 339 4.56 14.55 -27.30
C VAL A 339 3.63 13.61 -28.06
N LEU A 340 3.68 13.68 -29.38
CA LEU A 340 2.86 12.91 -30.29
C LEU A 340 3.77 12.12 -31.22
N LEU A 341 3.17 11.37 -32.13
CA LEU A 341 3.88 10.45 -33.00
C LEU A 341 3.71 10.85 -34.45
N LYS A 342 4.81 11.16 -35.14
CA LYS A 342 4.76 11.30 -36.59
C LYS A 342 4.74 9.92 -37.24
N GLN A 343 5.43 8.97 -36.64
CA GLN A 343 5.40 7.56 -37.00
C GLN A 343 5.62 6.80 -35.72
N LEU A 344 5.20 5.54 -35.69
CA LEU A 344 5.61 4.69 -34.57
C LEU A 344 7.13 4.65 -34.49
N GLY A 345 7.68 4.92 -33.32
CA GLY A 345 9.11 5.02 -33.18
C GLY A 345 9.69 6.36 -33.59
N GLN A 346 8.86 7.39 -33.77
CA GLN A 346 9.35 8.73 -34.14
CA GLN A 346 9.34 8.73 -34.15
C GLN A 346 8.42 9.77 -33.49
N ALA A 347 8.61 9.97 -32.19
CA ALA A 347 7.84 10.96 -31.47
C ALA A 347 8.35 12.37 -31.79
N VAL A 348 7.46 13.35 -31.62
CA VAL A 348 7.81 14.76 -31.75
C VAL A 348 7.11 15.53 -30.64
N ILE A 349 7.69 16.66 -30.26
CA ILE A 349 7.06 17.59 -29.33
C ILE A 349 6.53 18.74 -30.16
N THR A 350 5.23 19.01 -30.06
CA THR A 350 4.59 19.91 -31.02
C THR A 350 3.50 20.73 -30.35
N LYS A 351 3.29 21.95 -30.88
CA LYS A 351 2.14 22.75 -30.54
C LYS A 351 1.05 22.68 -31.60
N ASP A 352 1.26 21.94 -32.69
CA ASP A 352 0.40 22.00 -33.86
C ASP A 352 -0.61 20.85 -33.81
N PHE A 353 -1.62 21.02 -32.95
CA PHE A 353 -2.74 20.10 -32.87
C PHE A 353 -4.00 20.90 -32.63
N ASP A 354 -5.10 20.42 -33.22
CA ASP A 354 -6.41 21.00 -32.98
C ASP A 354 -6.90 20.55 -31.61
N VAL A 355 -7.24 21.50 -30.74
CA VAL A 355 -7.67 21.13 -29.39
C VAL A 355 -8.96 20.30 -29.46
N GLU A 356 -9.82 20.55 -30.45
CA GLU A 356 -11.02 19.73 -30.57
C GLU A 356 -10.68 18.27 -30.86
N LEU A 357 -9.65 18.04 -31.67
CA LEU A 357 -9.22 16.67 -31.95
C LEU A 357 -8.57 16.04 -30.72
N MET A 358 -7.89 16.86 -29.91
CA MET A 358 -7.32 16.35 -28.67
C MET A 358 -8.42 15.92 -27.70
N LYS A 359 -9.51 16.70 -27.62
CA LYS A 359 -10.64 16.29 -26.78
C LYS A 359 -11.28 15.01 -27.30
N GLN A 360 -11.36 14.86 -28.62
CA GLN A 360 -11.88 13.62 -29.19
C GLN A 360 -11.04 12.42 -28.79
N ALA A 361 -9.71 12.57 -28.81
CA ALA A 361 -8.82 11.47 -28.45
C ALA A 361 -8.92 11.12 -26.97
N ILE A 362 -9.13 12.12 -26.12
CA ILE A 362 -9.35 11.86 -24.70
C ILE A 362 -10.64 11.07 -24.51
N LEU A 363 -11.74 11.56 -25.10
CA LEU A 363 -13.04 10.92 -24.86
C LEU A 363 -13.10 9.53 -25.46
N ALA A 364 -12.45 9.32 -26.61
CA ALA A 364 -12.49 8.02 -27.26
C ALA A 364 -11.86 6.93 -26.41
N ASN A 365 -10.99 7.29 -25.48
CA ASN A 365 -10.26 6.26 -24.75
C ASN A 365 -10.63 6.29 -23.27
N GLN A 366 -11.86 6.70 -22.99
CA GLN A 366 -12.50 6.53 -21.69
C GLN A 366 -13.56 5.45 -21.84
N HIS A 367 -13.57 4.50 -20.90
CA HIS A 367 -14.55 3.43 -20.96
C HIS A 367 -15.74 3.76 -20.06
N GLY A 368 -16.86 3.10 -20.34
CA GLY A 368 -18.05 3.27 -19.53
C GLY A 368 -17.83 2.82 -18.10
N HIS B 7 -9.48 18.04 5.63
CA HIS B 7 -10.84 17.89 5.13
C HIS B 7 -10.88 17.02 3.87
N HIS B 8 -9.70 16.70 3.35
CA HIS B 8 -9.62 15.87 2.15
C HIS B 8 -9.90 14.42 2.48
N MET B 9 -10.69 13.78 1.64
CA MET B 9 -10.92 12.35 1.75
C MET B 9 -9.71 11.58 1.24
N GLN B 10 -9.38 10.47 1.89
CA GLN B 10 -8.36 9.56 1.39
C GLN B 10 -9.05 8.31 0.86
N THR B 11 -8.43 7.67 -0.13
CA THR B 11 -8.97 6.45 -0.69
C THR B 11 -7.88 5.38 -0.70
N LEU B 12 -8.17 4.23 -0.13
CA LEU B 12 -7.32 3.06 -0.23
C LEU B 12 -7.98 2.07 -1.17
N HIS B 13 -7.28 1.66 -2.22
CA HIS B 13 -7.79 0.62 -3.10
C HIS B 13 -7.22 -0.72 -2.66
N VAL B 14 -8.12 -1.65 -2.34
CA VAL B 14 -7.75 -2.99 -1.90
C VAL B 14 -7.87 -3.93 -3.09
N GLU B 15 -6.88 -4.81 -3.27
CA GLU B 15 -6.92 -5.85 -4.29
C GLU B 15 -6.81 -7.20 -3.57
N LEU B 16 -7.93 -7.90 -3.44
CA LEU B 16 -7.96 -9.18 -2.73
C LEU B 16 -8.65 -10.26 -3.55
N ARG B 19 -10.60 -9.66 -6.90
CA ARG B 19 -11.53 -8.56 -6.62
C ARG B 19 -10.78 -7.31 -6.13
N ARG B 20 -11.36 -6.15 -6.40
CA ARG B 20 -10.78 -4.88 -5.99
C ARG B 20 -11.89 -3.95 -5.52
N TYR B 21 -11.63 -3.22 -4.43
CA TYR B 21 -12.62 -2.28 -3.95
C TYR B 21 -11.93 -1.12 -3.26
N PRO B 22 -12.59 0.04 -3.20
CA PRO B 22 -12.03 1.19 -2.47
C PRO B 22 -12.54 1.28 -1.05
N ILE B 23 -11.68 1.78 -0.17
CA ILE B 23 -12.07 2.22 1.16
C ILE B 23 -11.97 3.75 1.16
N PHE B 24 -13.12 4.41 1.31
CA PHE B 24 -13.17 5.87 1.37
C PHE B 24 -13.10 6.31 2.82
N ILE B 25 -12.13 7.17 3.15
CA ILE B 25 -11.85 7.53 4.53
C ILE B 25 -11.88 9.05 4.65
N GLY B 26 -12.82 9.57 5.43
CA GLY B 26 -12.92 11.01 5.56
C GLY B 26 -14.01 11.36 6.55
N SER B 27 -14.43 12.62 6.51
CA SER B 27 -15.44 13.10 7.45
C SER B 27 -16.52 13.81 6.67
N GLN B 28 -17.77 13.61 7.10
CA GLN B 28 -18.94 14.18 6.43
C GLN B 28 -18.95 13.81 4.96
N LEU B 29 -18.85 12.52 4.69
CA LEU B 29 -18.84 12.01 3.33
C LEU B 29 -20.24 12.06 2.73
N ASP B 30 -20.29 12.12 1.41
CA ASP B 30 -21.55 12.09 0.70
C ASP B 30 -21.76 10.68 0.18
N PRO B 31 -22.65 9.88 0.79
CA PRO B 31 -22.80 8.49 0.33
C PRO B 31 -23.47 8.40 -1.01
N LYS B 32 -24.32 9.37 -1.38
CA LYS B 32 -24.93 9.34 -2.70
C LYS B 32 -23.87 9.43 -3.80
N GLN B 33 -22.87 10.30 -3.62
CA GLN B 33 -21.78 10.41 -4.59
C GLN B 33 -20.85 9.22 -4.50
N LEU B 34 -20.48 8.82 -3.29
CA LEU B 34 -19.44 7.82 -3.10
C LEU B 34 -19.92 6.43 -3.47
N LEU B 35 -21.16 6.09 -3.12
CA LEU B 35 -21.64 4.74 -3.30
C LEU B 35 -22.27 4.48 -4.67
N GLU B 36 -22.55 5.52 -5.46
CA GLU B 36 -23.25 5.32 -6.74
CA GLU B 36 -23.24 5.33 -6.74
C GLU B 36 -22.57 4.29 -7.63
N PRO B 37 -21.25 4.29 -7.83
CA PRO B 37 -20.67 3.30 -8.75
C PRO B 37 -20.70 1.89 -8.21
N TYR B 38 -21.04 1.71 -6.93
CA TYR B 38 -20.86 0.42 -6.27
C TYR B 38 -22.17 -0.22 -5.82
N ILE B 39 -23.31 0.41 -6.07
CA ILE B 39 -24.61 -0.21 -5.84
C ILE B 39 -25.11 -0.67 -7.21
N HIS B 40 -24.92 -1.96 -7.51
CA HIS B 40 -25.10 -2.45 -8.86
C HIS B 40 -26.54 -2.79 -9.20
N GLY B 41 -27.44 -2.79 -8.22
CA GLY B 41 -28.84 -3.04 -8.49
C GLY B 41 -29.75 -1.98 -7.92
N GLN B 42 -31.06 -2.21 -8.02
CA GLN B 42 -32.05 -1.25 -7.55
C GLN B 42 -32.24 -1.26 -6.04
N GLN B 43 -31.94 -2.37 -5.36
CA GLN B 43 -32.36 -2.57 -3.98
C GLN B 43 -31.16 -2.56 -3.04
N VAL B 44 -31.36 -1.97 -1.87
CA VAL B 44 -30.36 -1.92 -0.81
C VAL B 44 -31.03 -2.24 0.50
N MET B 45 -30.49 -3.23 1.22
CA MET B 45 -30.95 -3.57 2.56
C MET B 45 -29.94 -3.01 3.57
N ILE B 46 -30.37 -2.05 4.38
CA ILE B 46 -29.50 -1.52 5.43
C ILE B 46 -29.68 -2.34 6.69
N VAL B 47 -28.62 -3.00 7.13
CA VAL B 47 -28.62 -3.77 8.37
C VAL B 47 -27.88 -2.96 9.42
N SER B 48 -28.51 -2.73 10.56
CA SER B 48 -27.92 -1.95 11.64
C SER B 48 -28.38 -2.54 12.97
N ASN B 49 -28.13 -1.83 14.07
CA ASN B 49 -28.64 -2.32 15.35
C ASN B 49 -29.39 -1.18 16.04
N VAL B 50 -29.97 -1.48 17.20
CA VAL B 50 -30.85 -0.51 17.84
C VAL B 50 -30.10 0.72 18.36
N THR B 51 -28.78 0.64 18.48
CA THR B 51 -28.01 1.79 18.96
C THR B 51 -27.59 2.68 17.80
N VAL B 52 -27.07 2.07 16.73
CA VAL B 52 -26.51 2.84 15.64
C VAL B 52 -27.62 3.37 14.73
N ALA B 53 -28.70 2.61 14.56
CA ALA B 53 -29.74 3.03 13.63
C ALA B 53 -30.35 4.40 13.95
N PRO B 54 -30.76 4.70 15.20
CA PRO B 54 -31.32 6.04 15.44
C PRO B 54 -30.34 7.16 15.18
N LEU B 55 -29.04 6.86 15.26
CA LEU B 55 -28.03 7.89 15.08
C LEU B 55 -27.77 8.18 13.60
N TYR B 56 -27.72 7.14 12.76
CA TYR B 56 -27.16 7.34 11.43
C TYR B 56 -27.93 6.69 10.29
N LEU B 57 -28.94 5.86 10.55
CA LEU B 57 -29.54 5.13 9.44
C LEU B 57 -30.18 6.08 8.44
N SER B 58 -30.91 7.10 8.90
CA SER B 58 -31.65 7.90 7.93
C SER B 58 -30.72 8.72 7.04
N HIS B 59 -29.54 9.06 7.54
CA HIS B 59 -28.51 9.68 6.70
C HIS B 59 -28.21 8.83 5.46
N TYR B 60 -28.07 7.52 5.65
CA TYR B 60 -27.78 6.66 4.51
C TYR B 60 -29.05 6.33 3.73
N GLN B 61 -30.18 6.20 4.41
CA GLN B 61 -31.41 5.92 3.67
C GLN B 61 -31.82 7.10 2.80
N GLU B 62 -31.67 8.32 3.34
CA GLU B 62 -31.97 9.52 2.55
C GLU B 62 -31.08 9.63 1.32
N ALA B 63 -29.79 9.36 1.49
CA ALA B 63 -28.86 9.44 0.36
C ALA B 63 -29.21 8.43 -0.72
N LEU B 64 -29.41 7.16 -0.33
CA LEU B 64 -29.70 6.12 -1.32
C LEU B 64 -31.05 6.33 -1.98
N GLU B 65 -32.05 6.81 -1.23
CA GLU B 65 -33.35 7.05 -1.84
C GLU B 65 -33.28 8.21 -2.83
N SER B 66 -32.50 9.24 -2.51
CA SER B 66 -32.27 10.33 -3.45
CA SER B 66 -32.30 10.32 -3.47
C SER B 66 -31.56 9.85 -4.70
N LEU B 67 -30.72 8.82 -4.56
CA LEU B 67 -30.08 8.19 -5.69
C LEU B 67 -31.04 7.37 -6.52
N GLY B 68 -32.22 7.08 -5.99
CA GLY B 68 -33.23 6.34 -6.71
C GLY B 68 -33.36 4.89 -6.32
N LYS B 69 -32.63 4.45 -5.29
CA LYS B 69 -32.68 3.06 -4.87
C LYS B 69 -33.89 2.80 -3.98
N THR B 70 -34.33 1.55 -3.98
CA THR B 70 -35.32 1.04 -3.04
C THR B 70 -34.59 0.58 -1.79
N VAL B 71 -34.92 1.15 -0.62
CA VAL B 71 -34.17 0.87 0.60
C VAL B 71 -35.08 0.17 1.61
N ALA B 72 -34.64 -0.99 2.10
CA ALA B 72 -35.25 -1.66 3.22
C ALA B 72 -34.27 -1.65 4.38
N THR B 73 -34.74 -1.98 5.57
CA THR B 73 -33.84 -2.01 6.73
C THR B 73 -34.11 -3.25 7.57
N CYS B 74 -33.09 -3.62 8.34
CA CYS B 74 -33.17 -4.72 9.29
C CYS B 74 -32.41 -4.27 10.52
N ILE B 75 -33.10 -4.14 11.65
CA ILE B 75 -32.49 -3.60 12.86
C ILE B 75 -32.31 -4.73 13.85
N LEU B 76 -31.07 -5.02 14.19
CA LEU B 76 -30.76 -6.12 15.09
C LEU B 76 -30.55 -5.61 16.50
N PRO B 77 -30.57 -6.47 17.50
CA PRO B 77 -30.18 -6.04 18.85
C PRO B 77 -28.70 -5.70 18.87
N ASP B 78 -28.33 -4.93 19.89
CA ASP B 78 -26.94 -4.49 20.07
C ASP B 78 -26.26 -5.49 21.02
N GLY B 79 -25.37 -6.33 20.48
CA GLY B 79 -24.55 -7.12 21.37
C GLY B 79 -23.85 -8.32 20.75
N GLU B 80 -22.60 -8.56 21.18
CA GLU B 80 -21.89 -9.76 20.73
C GLU B 80 -22.68 -11.03 21.01
N LYS B 81 -23.41 -11.07 22.14
CA LYS B 81 -24.13 -12.29 22.50
C LYS B 81 -25.25 -12.61 21.53
N TYR B 82 -25.61 -11.67 20.64
CA TYR B 82 -26.63 -11.90 19.65
C TYR B 82 -26.04 -12.19 18.28
N LYS B 83 -24.72 -12.40 18.21
CA LYS B 83 -24.05 -12.62 16.93
C LYS B 83 -24.12 -14.11 16.59
N ASP B 84 -25.34 -14.55 16.24
CA ASP B 84 -25.60 -15.98 16.10
C ASP B 84 -26.64 -16.23 15.00
N ILE B 85 -26.97 -17.50 14.81
CA ILE B 85 -27.76 -17.88 13.64
C ILE B 85 -29.21 -17.48 13.80
N GLN B 86 -29.73 -17.48 15.04
CA GLN B 86 -31.09 -17.01 15.26
C GLN B 86 -31.25 -15.56 14.81
N HIS B 87 -30.24 -14.73 15.06
CA HIS B 87 -30.38 -13.33 14.68
C HIS B 87 -29.96 -13.08 13.24
N LEU B 88 -29.02 -13.87 12.72
CA LEU B 88 -28.78 -13.87 11.28
C LEU B 88 -30.08 -14.05 10.52
N ASN B 89 -30.93 -14.95 11.00
CA ASN B 89 -32.19 -15.23 10.31
C ASN B 89 -33.10 -14.01 10.23
N LEU B 90 -32.95 -13.04 11.14
CA LEU B 90 -33.73 -11.81 10.99
C LEU B 90 -33.36 -11.07 9.70
N ILE B 91 -32.10 -11.15 9.28
CA ILE B 91 -31.73 -10.48 8.04
C ILE B 91 -32.35 -11.18 6.85
N PHE B 92 -32.35 -12.51 6.84
CA PHE B 92 -33.03 -13.27 5.80
C PHE B 92 -34.53 -12.92 5.77
N ASP B 93 -35.17 -12.88 6.94
CA ASP B 93 -36.58 -12.49 7.00
C ASP B 93 -36.78 -11.16 6.30
N ALA B 94 -35.94 -10.19 6.63
CA ALA B 94 -36.12 -8.85 6.08
C ALA B 94 -35.93 -8.85 4.58
N LEU B 95 -34.95 -9.62 4.09
CA LEU B 95 -34.65 -9.63 2.66
C LEU B 95 -35.78 -10.26 1.86
N LEU B 96 -36.34 -11.36 2.37
CA LEU B 96 -37.43 -12.01 1.65
C LEU B 96 -38.72 -11.23 1.78
N GLU B 97 -39.01 -10.67 2.95
CA GLU B 97 -40.20 -9.84 3.10
C GLU B 97 -40.19 -8.68 2.11
N ALA B 98 -39.00 -8.13 1.83
CA ALA B 98 -38.87 -6.98 0.95
C ALA B 98 -38.84 -7.38 -0.52
N GLY B 99 -38.81 -8.68 -0.83
CA GLY B 99 -38.75 -9.13 -2.21
C GLY B 99 -37.44 -8.87 -2.93
N PHE B 100 -36.33 -8.83 -2.21
CA PHE B 100 -35.08 -8.45 -2.84
C PHE B 100 -34.53 -9.56 -3.71
N ASN B 101 -33.84 -9.17 -4.76
CA ASN B 101 -33.41 -10.08 -5.82
C ASN B 101 -31.90 -10.32 -5.73
N ARG B 102 -31.41 -11.10 -6.69
CA ARG B 102 -30.01 -11.51 -6.69
CA ARG B 102 -30.01 -11.51 -6.72
C ARG B 102 -29.04 -10.34 -6.84
N ASP B 103 -29.50 -9.19 -7.35
CA ASP B 103 -28.60 -8.06 -7.53
CA ASP B 103 -28.64 -8.03 -7.55
C ASP B 103 -28.78 -6.98 -6.45
N CYS B 104 -29.47 -7.32 -5.35
CA CYS B 104 -29.59 -6.36 -4.27
C CYS B 104 -28.24 -6.20 -3.57
N THR B 105 -28.16 -5.17 -2.73
CA THR B 105 -26.95 -4.89 -1.96
C THR B 105 -27.29 -4.90 -0.48
N VAL B 106 -26.52 -5.66 0.31
CA VAL B 106 -26.62 -5.60 1.76
C VAL B 106 -25.60 -4.59 2.25
N LEU B 107 -26.06 -3.60 3.02
CA LEU B 107 -25.19 -2.53 3.51
C LEU B 107 -25.09 -2.63 5.03
N ALA B 108 -23.87 -2.87 5.53
CA ALA B 108 -23.63 -3.09 6.96
C ALA B 108 -23.35 -1.75 7.63
N LEU B 109 -24.31 -1.25 8.40
CA LEU B 109 -24.18 0.03 9.09
C LEU B 109 -24.02 -0.24 10.58
N GLY B 110 -22.77 -0.24 11.05
CA GLY B 110 -22.55 -0.51 12.47
C GLY B 110 -21.10 -0.93 12.69
N GLY B 111 -20.87 -1.51 13.85
CA GLY B 111 -19.55 -1.99 14.20
C GLY B 111 -19.24 -3.31 13.53
N GLY B 112 -18.21 -3.98 14.05
CA GLY B 112 -17.80 -5.24 13.46
C GLY B 112 -18.81 -6.35 13.64
N VAL B 113 -19.64 -6.28 14.69
CA VAL B 113 -20.66 -7.30 14.86
C VAL B 113 -21.65 -7.26 13.71
N ILE B 114 -22.17 -6.06 13.43
CA ILE B 114 -23.06 -5.89 12.28
C ILE B 114 -22.34 -6.22 10.99
N GLY B 115 -21.08 -5.79 10.87
CA GLY B 115 -20.33 -6.09 9.66
C GLY B 115 -20.26 -7.57 9.38
N ASP B 116 -19.97 -8.36 10.43
CA ASP B 116 -19.85 -9.80 10.25
C ASP B 116 -21.20 -10.44 9.91
N MET B 117 -22.26 -10.03 10.62
CA MET B 117 -23.57 -10.64 10.40
CA MET B 117 -23.59 -10.60 10.41
C MET B 117 -24.13 -10.26 9.02
N ALA B 118 -24.09 -8.98 8.67
CA ALA B 118 -24.63 -8.59 7.37
C ALA B 118 -23.80 -9.18 6.24
N GLY B 119 -22.48 -9.25 6.40
CA GLY B 119 -21.65 -9.83 5.36
C GLY B 119 -21.95 -11.29 5.13
N PHE B 120 -22.06 -12.06 6.21
CA PHE B 120 -22.43 -13.47 6.11
C PHE B 120 -23.81 -13.62 5.50
N ALA B 121 -24.77 -12.78 5.92
CA ALA B 121 -26.09 -12.85 5.31
C ALA B 121 -26.02 -12.57 3.82
N SER B 122 -25.20 -11.59 3.42
CA SER B 122 -25.07 -11.28 2.01
C SER B 122 -24.45 -12.44 1.23
N ALA B 123 -23.61 -13.24 1.88
CA ALA B 123 -23.03 -14.38 1.18
C ALA B 123 -24.05 -15.50 0.98
N CYS B 124 -25.01 -15.63 1.88
CA CYS B 124 -25.97 -16.73 1.85
C CYS B 124 -27.23 -16.41 1.05
N PHE B 125 -27.67 -15.15 1.05
CA PHE B 125 -28.94 -14.83 0.41
C PHE B 125 -28.84 -15.07 -1.09
N GLN B 126 -29.67 -15.98 -1.61
CA GLN B 126 -29.64 -16.38 -3.02
C GLN B 126 -28.25 -16.81 -3.46
N ARG B 127 -27.49 -17.40 -2.51
CA ARG B 127 -26.15 -17.91 -2.74
C ARG B 127 -25.14 -16.81 -3.03
N GLY B 128 -25.48 -15.56 -2.76
CA GLY B 128 -24.50 -14.50 -2.83
C GLY B 128 -24.99 -13.25 -3.52
N VAL B 129 -25.17 -12.17 -2.76
CA VAL B 129 -25.52 -10.88 -3.35
C VAL B 129 -24.39 -9.91 -3.03
N TYR B 130 -24.60 -8.61 -3.28
CA TYR B 130 -23.54 -7.63 -3.07
C TYR B 130 -23.50 -7.15 -1.63
N PHE B 131 -22.32 -6.73 -1.20
CA PHE B 131 -22.06 -6.34 0.18
C PHE B 131 -21.37 -4.99 0.18
N VAL B 132 -21.83 -4.08 1.02
CA VAL B 132 -21.20 -2.79 1.25
C VAL B 132 -21.00 -2.60 2.75
N GLN B 133 -19.82 -2.13 3.14
CA GLN B 133 -19.47 -1.92 4.54
C GLN B 133 -19.50 -0.43 4.89
N VAL B 134 -20.24 -0.09 5.95
CA VAL B 134 -20.15 1.26 6.52
C VAL B 134 -19.80 1.11 7.99
N PRO B 135 -18.53 0.89 8.33
CA PRO B 135 -18.17 0.62 9.74
C PRO B 135 -18.19 1.91 10.56
N THR B 136 -18.82 1.85 11.73
CA THR B 136 -19.04 3.01 12.58
C THR B 136 -18.27 2.95 13.91
N THR B 137 -17.44 1.93 14.09
CA THR B 137 -16.50 1.90 15.21
C THR B 137 -15.11 1.97 14.64
N LEU B 138 -14.16 2.46 15.46
CA LEU B 138 -12.81 2.60 14.95
C LEU B 138 -12.21 1.22 14.70
N LEU B 139 -12.49 0.28 15.60
CA LEU B 139 -11.95 -1.07 15.43
C LEU B 139 -12.45 -1.69 14.13
N SER B 140 -13.76 -1.55 13.82
CA SER B 140 -14.25 -2.12 12.57
C SER B 140 -13.65 -1.40 11.38
N GLN B 141 -13.41 -0.08 11.51
CA GLN B 141 -12.78 0.65 10.42
C GLN B 141 -11.37 0.16 10.12
N VAL B 142 -10.62 -0.31 11.11
CA VAL B 142 -9.22 -0.68 10.91
C VAL B 142 -8.98 -2.17 10.84
N ASP B 143 -10.02 -2.99 11.07
CA ASP B 143 -9.84 -4.44 11.10
C ASP B 143 -10.84 -5.14 10.18
N SER B 144 -12.12 -4.81 10.31
CA SER B 144 -13.17 -5.48 9.53
C SER B 144 -13.16 -5.10 8.06
N SER B 145 -12.57 -3.95 7.73
CA SER B 145 -12.63 -3.40 6.38
CA SER B 145 -12.64 -3.40 6.38
C SER B 145 -11.75 -4.12 5.38
N VAL B 146 -10.86 -5.01 5.84
CA VAL B 146 -9.94 -5.75 4.99
C VAL B 146 -9.93 -7.20 5.45
N GLY B 147 -9.92 -8.13 4.49
CA GLY B 147 -9.66 -9.52 4.81
C GLY B 147 -10.74 -10.44 4.30
N GLY B 148 -11.95 -9.90 4.11
CA GLY B 148 -13.04 -10.66 3.53
C GLY B 148 -13.68 -11.70 4.43
N LYS B 149 -13.34 -11.74 5.71
CA LYS B 149 -13.93 -12.70 6.62
C LYS B 149 -15.23 -12.15 7.19
N THR B 150 -16.27 -12.98 7.20
CA THR B 150 -17.52 -12.71 7.87
C THR B 150 -17.91 -13.95 8.66
N GLY B 151 -18.95 -13.82 9.47
CA GLY B 151 -19.47 -14.99 10.16
C GLY B 151 -20.11 -14.64 11.48
N ILE B 152 -20.38 -15.68 12.27
CA ILE B 152 -21.17 -15.58 13.48
C ILE B 152 -20.66 -16.61 14.48
N ASN B 153 -21.14 -16.49 15.71
CA ASN B 153 -20.77 -17.39 16.78
C ASN B 153 -21.76 -18.55 16.84
N HIS B 154 -21.29 -19.63 17.46
CA HIS B 154 -22.07 -20.76 17.86
C HIS B 154 -21.89 -20.91 19.37
N PRO B 155 -22.87 -21.45 20.10
CA PRO B 155 -22.68 -21.61 21.55
C PRO B 155 -21.44 -22.41 21.92
N LEU B 156 -20.92 -23.23 21.02
CA LEU B 156 -19.74 -24.03 21.30
C LEU B 156 -18.46 -23.44 20.69
N GLY B 157 -18.57 -22.31 19.98
CA GLY B 157 -17.38 -21.72 19.41
C GLY B 157 -17.62 -20.42 18.68
N LYS B 158 -16.82 -19.42 18.98
CA LYS B 158 -16.98 -18.11 18.35
C LYS B 158 -16.40 -18.14 16.94
N ASN B 159 -17.07 -17.42 16.04
CA ASN B 159 -16.65 -17.27 14.63
C ASN B 159 -16.29 -18.62 14.00
N MET B 160 -17.17 -19.60 14.19
CA MET B 160 -16.97 -20.93 13.61
C MET B 160 -17.86 -21.15 12.41
N LEU B 161 -18.73 -20.20 12.09
CA LEU B 161 -19.67 -20.25 10.98
C LEU B 161 -19.53 -18.95 10.20
N GLY B 162 -19.38 -19.02 8.89
CA GLY B 162 -19.24 -17.79 8.13
C GLY B 162 -18.94 -18.05 6.66
N ALA B 163 -18.47 -17.00 6.01
CA ALA B 163 -18.12 -17.07 4.59
C ALA B 163 -17.06 -16.04 4.29
N PHE B 164 -16.28 -16.31 3.26
CA PHE B 164 -15.44 -15.25 2.69
C PHE B 164 -16.31 -14.41 1.77
N GLN B 165 -16.31 -13.10 2.00
CA GLN B 165 -17.21 -12.18 1.29
C GLN B 165 -16.55 -10.82 1.26
N GLN B 166 -16.13 -10.38 0.09
CA GLN B 166 -15.51 -9.07 -0.02
C GLN B 166 -16.58 -8.01 -0.29
N PRO B 167 -16.39 -6.80 0.20
CA PRO B 167 -17.36 -5.72 -0.09
C PRO B 167 -17.09 -5.08 -1.44
N GLN B 168 -18.13 -4.41 -1.97
CA GLN B 168 -17.95 -3.62 -3.18
C GLN B 168 -17.24 -2.31 -2.88
N VAL B 169 -17.36 -1.83 -1.65
CA VAL B 169 -16.81 -0.56 -1.23
C VAL B 169 -16.94 -0.49 0.28
N VAL B 170 -16.01 0.22 0.93
CA VAL B 170 -16.08 0.51 2.35
C VAL B 170 -16.12 2.01 2.52
N LEU B 171 -17.11 2.51 3.26
CA LEU B 171 -17.23 3.94 3.53
C LEU B 171 -16.96 4.16 5.00
N ALA B 172 -15.84 4.83 5.31
CA ALA B 172 -15.40 5.05 6.69
C ALA B 172 -15.46 6.53 7.01
N ASP B 173 -16.58 6.98 7.59
CA ASP B 173 -16.80 8.39 7.89
C ASP B 173 -16.43 8.64 9.35
N MET B 174 -15.37 9.41 9.57
CA MET B 174 -14.85 9.63 10.92
C MET B 174 -15.82 10.37 11.83
N ALA B 175 -16.76 11.15 11.27
CA ALA B 175 -17.64 11.93 12.13
C ALA B 175 -18.53 11.03 12.98
N GLN B 176 -18.84 9.85 12.47
CA GLN B 176 -19.62 8.89 13.24
C GLN B 176 -18.92 8.51 14.55
N LEU B 177 -17.60 8.65 14.61
CA LEU B 177 -16.89 8.29 15.85
C LEU B 177 -17.19 9.28 16.98
N ASN B 178 -17.82 10.41 16.66
CA ASN B 178 -18.11 11.42 17.68
C ASN B 178 -19.06 10.88 18.75
N THR B 179 -19.93 9.93 18.41
CA THR B 179 -20.89 9.36 19.35
C THR B 179 -20.40 8.06 19.96
N LEU B 180 -19.24 7.61 19.56
CA LEU B 180 -18.75 6.32 20.03
C LEU B 180 -18.28 6.44 21.47
N PRO B 181 -18.63 5.50 22.36
CA PRO B 181 -18.15 5.57 23.74
C PRO B 181 -16.63 5.63 23.80
N GLU B 182 -16.13 6.32 24.83
CA GLU B 182 -14.68 6.52 24.94
C GLU B 182 -13.95 5.18 24.98
N ARG B 183 -14.50 4.21 25.72
CA ARG B 183 -13.81 2.92 25.82
C ARG B 183 -13.72 2.24 24.45
N GLU B 184 -14.77 2.40 23.63
CA GLU B 184 -14.74 1.81 22.30
C GLU B 184 -13.75 2.54 21.40
N LEU B 185 -13.67 3.87 21.50
CA LEU B 185 -12.66 4.59 20.72
C LEU B 185 -11.27 4.07 21.06
N SER B 186 -10.97 3.97 22.35
CA SER B 186 -9.65 3.50 22.76
C SER B 186 -9.42 2.06 22.31
N ALA B 187 -10.45 1.21 22.40
CA ALA B 187 -10.29 -0.17 21.95
C ALA B 187 -9.87 -0.23 20.49
N GLY B 188 -10.39 0.67 19.65
CA GLY B 188 -9.92 0.74 18.28
C GLY B 188 -8.47 1.20 18.19
N LEU B 189 -8.08 2.15 19.04
CA LEU B 189 -6.70 2.60 19.02
C LEU B 189 -5.74 1.48 19.39
N ALA B 190 -6.21 0.50 20.17
CA ALA B 190 -5.36 -0.65 20.48
C ALA B 190 -4.93 -1.38 19.21
N GLU B 191 -5.85 -1.56 18.27
CA GLU B 191 -5.49 -2.23 17.04
C GLU B 191 -4.59 -1.35 16.18
N VAL B 192 -4.82 -0.04 16.20
CA VAL B 192 -3.94 0.88 15.47
C VAL B 192 -2.51 0.75 15.98
N ILE B 193 -2.35 0.82 17.30
CA ILE B 193 -1.03 0.65 17.92
C ILE B 193 -0.45 -0.71 17.54
N LYS B 194 -1.28 -1.74 17.50
CA LYS B 194 -0.80 -3.09 17.17
C LYS B 194 -0.13 -3.12 15.80
N TYR B 195 -0.75 -2.48 14.79
CA TYR B 195 -0.14 -2.44 13.48
C TYR B 195 1.25 -1.80 13.55
N ALA B 196 1.37 -0.72 14.31
CA ALA B 196 2.67 -0.05 14.42
C ALA B 196 3.70 -0.97 15.08
N LEU B 197 3.32 -1.58 16.20
CA LEU B 197 4.25 -2.41 16.96
C LEU B 197 4.67 -3.66 16.18
N LEU B 198 3.75 -4.24 15.41
CA LEU B 198 4.13 -5.47 14.72
C LEU B 198 4.96 -5.21 13.47
N GLY B 199 4.83 -4.03 12.85
CA GLY B 199 5.49 -3.89 11.58
C GLY B 199 5.84 -2.51 11.06
N ASP B 200 5.71 -1.46 11.87
CA ASP B 200 6.00 -0.11 11.33
C ASP B 200 6.38 0.82 12.48
N GLU B 201 7.67 0.83 12.83
CA GLU B 201 8.09 1.71 13.92
C GLU B 201 7.91 3.18 13.55
N ASP B 202 7.95 3.51 12.26
CA ASP B 202 7.66 4.88 11.86
C ASP B 202 6.22 5.24 12.19
N PHE B 203 5.30 4.27 12.05
CA PHE B 203 3.92 4.48 12.47
C PHE B 203 3.85 4.70 13.99
N LEU B 204 4.67 3.97 14.76
CA LEU B 204 4.70 4.22 16.19
C LEU B 204 5.10 5.68 16.47
N VAL B 205 6.11 6.17 15.76
CA VAL B 205 6.54 7.56 15.97
C VAL B 205 5.41 8.51 15.67
N TRP B 206 4.67 8.25 14.60
CA TRP B 206 3.54 9.10 14.25
C TRP B 206 2.47 9.05 15.33
N LEU B 207 2.18 7.85 15.86
CA LEU B 207 1.21 7.73 16.94
C LEU B 207 1.67 8.46 18.20
N GLU B 208 2.95 8.37 18.54
CA GLU B 208 3.45 9.09 19.71
C GLU B 208 3.29 10.59 19.56
N GLU B 209 3.47 11.11 18.35
CA GLU B 209 3.35 12.54 18.09
C GLU B 209 1.89 12.99 18.04
N ASN B 210 0.97 12.10 17.72
CA ASN B 210 -0.38 12.49 17.37
C ASN B 210 -1.45 11.89 18.29
N MET B 211 -1.07 11.17 19.34
CA MET B 211 -2.06 10.44 20.13
C MET B 211 -3.02 11.39 20.84
N ASP B 212 -2.54 12.55 21.30
CA ASP B 212 -3.46 13.47 21.96
C ASP B 212 -4.61 13.86 21.03
N GLY B 213 -4.30 14.11 19.76
CA GLY B 213 -5.34 14.48 18.82
C GLY B 213 -6.23 13.32 18.41
N LEU B 214 -5.69 12.10 18.43
CA LEU B 214 -6.54 10.94 18.12
C LEU B 214 -7.56 10.70 19.22
N VAL B 215 -7.12 10.72 20.47
CA VAL B 215 -8.03 10.56 21.60
C VAL B 215 -9.04 11.69 21.63
N ALA B 216 -8.63 12.88 21.20
CA ALA B 216 -9.55 14.01 21.10
C ALA B 216 -10.45 13.94 19.87
N ARG B 217 -10.34 12.88 19.06
CA ARG B 217 -11.20 12.66 17.89
C ARG B 217 -10.99 13.72 16.81
N ASP B 218 -9.74 14.11 16.57
CA ASP B 218 -9.44 15.00 15.46
C ASP B 218 -9.71 14.30 14.13
N ALA B 219 -10.54 14.90 13.28
CA ALA B 219 -11.04 14.18 12.11
C ALA B 219 -9.90 13.82 11.15
N ASP B 220 -8.96 14.73 10.92
CA ASP B 220 -7.90 14.46 9.95
C ASP B 220 -6.88 13.45 10.48
N LEU B 221 -6.58 13.50 11.79
CA LEU B 221 -5.68 12.49 12.33
C LEU B 221 -6.32 11.10 12.35
N LEU B 222 -7.60 11.02 12.73
CA LEU B 222 -8.27 9.72 12.72
C LEU B 222 -8.28 9.12 11.31
N ALA B 223 -8.57 9.94 10.29
CA ALA B 223 -8.57 9.43 8.92
C ALA B 223 -7.20 8.91 8.53
N GLU B 224 -6.14 9.62 8.90
CA GLU B 224 -4.79 9.16 8.58
C GLU B 224 -4.48 7.86 9.31
N ALA B 225 -4.85 7.74 10.59
CA ALA B 225 -4.60 6.51 11.31
C ALA B 225 -5.37 5.33 10.70
N VAL B 226 -6.60 5.58 10.24
CA VAL B 226 -7.40 4.54 9.63
C VAL B 226 -6.79 4.11 8.29
N TYR B 227 -6.40 5.10 7.47
CA TYR B 227 -5.78 4.77 6.18
C TYR B 227 -4.52 3.95 6.39
N ARG B 228 -3.65 4.39 7.29
CA ARG B 228 -2.37 3.69 7.45
C ARG B 228 -2.58 2.30 8.03
N SER B 229 -3.57 2.14 8.92
CA SER B 229 -3.84 0.82 9.49
C SER B 229 -4.41 -0.12 8.44
N CYS B 230 -5.40 0.35 7.68
CA CYS B 230 -5.97 -0.47 6.61
C CYS B 230 -4.93 -0.83 5.57
N ALA B 231 -4.05 0.11 5.22
CA ALA B 231 -3.03 -0.19 4.22
C ALA B 231 -2.10 -1.28 4.72
N HIS B 232 -1.80 -1.28 6.01
CA HIS B 232 -0.94 -2.32 6.58
C HIS B 232 -1.64 -3.68 6.52
N LYS B 233 -2.90 -3.74 6.94
CA LYS B 233 -3.59 -5.03 6.90
C LYS B 233 -3.71 -5.54 5.48
N ALA B 234 -4.09 -4.67 4.54
CA ALA B 234 -4.22 -5.09 3.15
C ALA B 234 -2.88 -5.62 2.63
N ARG B 235 -1.78 -4.98 2.99
CA ARG B 235 -0.48 -5.44 2.51
C ARG B 235 -0.16 -6.82 3.09
N ILE B 236 -0.41 -6.99 4.39
CA ILE B 236 -0.11 -8.25 5.06
C ILE B 236 -0.97 -9.37 4.49
N VAL B 237 -2.26 -9.12 4.31
CA VAL B 237 -3.16 -10.13 3.74
C VAL B 237 -2.70 -10.53 2.35
N ALA B 238 -2.36 -9.53 1.51
CA ALA B 238 -1.92 -9.83 0.15
C ALA B 238 -0.65 -10.67 0.14
N ASN B 239 0.26 -10.40 1.08
CA ASN B 239 1.51 -11.16 1.15
C ASN B 239 1.27 -12.60 1.58
N ASP B 240 0.30 -12.82 2.46
CA ASP B 240 -0.03 -14.19 2.87
C ASP B 240 -0.69 -14.95 1.72
N GLU B 241 -1.50 -14.26 0.92
CA GLU B 241 -2.10 -14.86 -0.26
C GLU B 241 -1.03 -15.15 -1.31
N GLU B 246 3.68 -13.08 6.95
CA GLU B 246 2.61 -13.94 7.44
C GLU B 246 1.49 -13.11 8.07
N ARG B 247 0.24 -13.55 7.83
CA ARG B 247 -0.90 -12.95 8.49
C ARG B 247 -0.93 -13.28 9.98
N ALA B 248 -0.15 -14.26 10.43
CA ALA B 248 -0.13 -14.61 11.86
C ALA B 248 0.38 -13.48 12.73
N LEU B 249 1.16 -12.53 12.17
CA LEU B 249 1.63 -11.41 12.97
C LEU B 249 0.49 -10.49 13.41
N LEU B 250 -0.65 -10.54 12.74
CA LEU B 250 -1.82 -9.80 13.18
C LEU B 250 -2.35 -10.25 14.54
N ASN B 251 -1.84 -11.36 15.08
CA ASN B 251 -2.25 -11.83 16.39
C ASN B 251 -1.38 -11.29 17.52
N LEU B 252 -0.59 -10.24 17.28
CA LEU B 252 0.20 -9.67 18.36
C LEU B 252 -0.72 -9.27 19.50
N GLY B 253 -0.40 -9.76 20.71
CA GLY B 253 -1.22 -9.48 21.87
C GLY B 253 -2.46 -10.33 22.01
N HIS B 254 -2.85 -11.07 20.97
CA HIS B 254 -4.14 -11.77 21.00
C HIS B 254 -4.07 -13.08 21.79
N THR B 255 -2.93 -13.77 21.82
CA THR B 255 -2.88 -14.99 22.61
C THR B 255 -3.09 -14.68 24.10
N PHE B 256 -2.30 -13.72 24.62
CA PHE B 256 -2.54 -13.24 25.97
C PHE B 256 -3.93 -12.62 26.10
N GLY B 257 -4.32 -11.80 25.14
CA GLY B 257 -5.59 -11.08 25.26
C GLY B 257 -6.77 -12.02 25.34
N HIS B 258 -6.75 -13.09 24.53
CA HIS B 258 -7.84 -14.06 24.57
C HIS B 258 -8.04 -14.62 25.96
N ALA B 259 -6.94 -14.95 26.64
CA ALA B 259 -7.04 -15.47 28.00
C ALA B 259 -7.67 -14.45 28.93
N ILE B 260 -7.27 -13.19 28.79
CA ILE B 260 -7.84 -12.13 29.62
C ILE B 260 -9.34 -12.01 29.35
N GLU B 261 -9.71 -11.95 28.07
CA GLU B 261 -11.12 -11.82 27.69
C GLU B 261 -11.95 -13.00 28.17
N SER B 262 -11.46 -14.22 27.90
CA SER B 262 -12.21 -15.41 28.27
C SER B 262 -12.39 -15.50 29.78
N TYR B 263 -11.35 -15.18 30.54
CA TYR B 263 -11.45 -15.31 32.00
C TYR B 263 -12.39 -14.26 32.60
N LEU B 264 -12.24 -13.00 32.19
CA LEU B 264 -13.01 -11.93 32.80
C LEU B 264 -14.49 -12.00 32.43
N GLY B 265 -14.84 -12.75 31.40
CA GLY B 265 -16.23 -13.02 31.14
C GLY B 265 -16.88 -11.98 30.25
N TYR B 266 -18.16 -12.23 29.97
CA TYR B 266 -18.84 -11.50 28.92
C TYR B 266 -18.90 -10.00 29.22
N GLY B 267 -18.33 -9.20 28.31
CA GLY B 267 -18.46 -7.77 28.35
C GLY B 267 -17.58 -7.04 29.34
N THR B 268 -16.89 -7.76 30.23
CA THR B 268 -16.13 -7.09 31.28
C THR B 268 -15.09 -6.15 30.68
N TRP B 269 -14.14 -6.71 29.95
CA TRP B 269 -13.19 -5.95 29.15
C TRP B 269 -13.58 -6.00 27.68
N LEU B 270 -13.31 -4.90 26.97
CA LEU B 270 -13.42 -4.93 25.52
C LEU B 270 -12.26 -5.72 24.91
N HIS B 271 -12.52 -6.31 23.75
CA HIS B 271 -11.46 -7.02 23.04
C HIS B 271 -10.20 -6.16 22.91
N GLY B 272 -10.35 -4.90 22.48
CA GLY B 272 -9.18 -4.04 22.34
C GLY B 272 -8.46 -3.76 23.66
N GLU B 273 -9.19 -3.75 24.77
CA GLU B 273 -8.52 -3.53 26.05
C GLU B 273 -7.67 -4.73 26.40
N ALA B 274 -8.16 -5.94 26.14
CA ALA B 274 -7.38 -7.15 26.41
C ALA B 274 -6.19 -7.25 25.46
N VAL B 275 -6.38 -6.84 24.20
CA VAL B 275 -5.25 -6.85 23.27
C VAL B 275 -4.18 -5.87 23.72
N ALA B 276 -4.60 -4.70 24.22
CA ALA B 276 -3.64 -3.72 24.73
C ALA B 276 -2.77 -4.32 25.84
N THR B 277 -3.39 -4.91 26.85
CA THR B 277 -2.58 -5.50 27.93
C THR B 277 -1.79 -6.70 27.40
N GLY B 278 -2.36 -7.48 26.48
CA GLY B 278 -1.65 -8.60 25.90
C GLY B 278 -0.39 -8.18 25.15
N MET B 279 -0.46 -7.03 24.46
CA MET B 279 0.73 -6.51 23.80
C MET B 279 1.80 -6.13 24.82
N VAL B 280 1.39 -5.57 25.95
CA VAL B 280 2.37 -5.30 27.02
C VAL B 280 3.01 -6.61 27.49
N MET B 281 2.19 -7.67 27.64
CA MET B 281 2.75 -8.96 28.08
C MET B 281 3.71 -9.52 27.05
N ALA B 282 3.35 -9.41 25.76
CA ALA B 282 4.23 -9.89 24.70
C ALA B 282 5.54 -9.11 24.69
N ALA B 283 5.47 -7.80 24.93
CA ALA B 283 6.67 -6.98 24.95
C ALA B 283 7.52 -7.32 26.17
N ASP B 284 6.88 -7.50 27.31
CA ASP B 284 7.57 -7.90 28.54
C ASP B 284 8.33 -9.20 28.32
N LEU B 285 7.65 -10.23 27.81
CA LEU B 285 8.30 -11.50 27.52
C LEU B 285 9.44 -11.32 26.51
N SER B 286 9.24 -10.46 25.50
CA SER B 286 10.29 -10.17 24.54
C SER B 286 11.51 -9.56 25.21
N GLN B 287 11.30 -8.70 26.21
CA GLN B 287 12.44 -8.18 26.97
C GLN B 287 13.10 -9.27 27.79
N ARG B 288 12.31 -10.14 28.42
CA ARG B 288 12.88 -11.23 29.21
C ARG B 288 13.68 -12.19 28.34
N LEU B 289 13.33 -12.32 27.06
CA LEU B 289 14.10 -13.16 26.15
C LEU B 289 15.37 -12.48 25.63
N GLY B 290 15.57 -11.21 25.94
CA GLY B 290 16.74 -10.48 25.48
C GLY B 290 16.59 -9.80 24.13
N TRP B 291 15.39 -9.81 23.56
CA TRP B 291 15.21 -9.31 22.20
C TRP B 291 15.00 -7.80 22.17
N ILE B 292 14.28 -7.24 23.12
CA ILE B 292 14.07 -5.80 23.21
C ILE B 292 14.43 -5.34 24.62
N SER B 293 14.56 -4.03 24.78
CA SER B 293 15.07 -3.48 26.03
C SER B 293 13.92 -3.08 26.95
N ASN B 294 14.24 -2.86 28.23
CA ASN B 294 13.26 -2.29 29.14
C ASN B 294 12.75 -0.96 28.63
N GLU B 295 13.63 -0.16 28.04
CA GLU B 295 13.22 1.12 27.45
C GLU B 295 12.15 0.92 26.38
N ASP B 296 12.28 -0.15 25.59
CA ASP B 296 11.27 -0.48 24.58
C ASP B 296 9.92 -0.83 25.21
N VAL B 297 9.94 -1.64 26.28
CA VAL B 297 8.72 -1.97 26.99
C VAL B 297 8.09 -0.72 27.59
N ALA B 298 8.91 0.17 28.17
CA ALA B 298 8.37 1.40 28.74
C ALA B 298 7.72 2.26 27.66
N ARG B 299 8.35 2.34 26.49
CA ARG B 299 7.78 3.05 25.36
C ARG B 299 6.44 2.46 24.93
N THR B 300 6.35 1.13 24.87
CA THR B 300 5.11 0.46 24.52
C THR B 300 4.01 0.75 25.53
N LYS B 301 4.34 0.62 26.83
CA LYS B 301 3.36 0.95 27.87
C LYS B 301 2.86 2.39 27.75
N LYS B 302 3.76 3.32 27.47
CA LYS B 302 3.39 4.73 27.52
C LYS B 302 2.40 5.07 26.41
N ILE B 303 2.64 4.59 25.18
CA ILE B 303 1.72 4.96 24.10
C ILE B 303 0.37 4.28 24.30
N ILE B 304 0.37 3.10 24.90
CA ILE B 304 -0.89 2.42 25.19
C ILE B 304 -1.65 3.18 26.28
N GLN B 305 -0.95 3.61 27.32
CA GLN B 305 -1.61 4.41 28.36
C GLN B 305 -2.12 5.73 27.82
N ARG B 306 -1.35 6.36 26.91
CA ARG B 306 -1.82 7.63 26.34
C ARG B 306 -3.06 7.44 25.49
N ALA B 307 -3.30 6.23 24.97
CA ALA B 307 -4.56 5.95 24.29
C ALA B 307 -5.69 5.61 25.25
N ASN B 308 -5.47 5.78 26.57
CA ASN B 308 -6.46 5.50 27.61
C ASN B 308 -6.78 4.01 27.71
N LEU B 309 -5.78 3.14 27.40
CA LEU B 309 -5.93 1.69 27.48
C LEU B 309 -5.24 1.13 28.72
N PRO B 310 -5.71 -0.01 29.22
CA PRO B 310 -5.04 -0.64 30.36
C PRO B 310 -3.75 -1.33 29.92
N ILE B 311 -2.72 -1.24 30.76
CA ILE B 311 -1.49 -1.99 30.56
C ILE B 311 -1.35 -3.15 31.53
N SER B 312 -2.32 -3.33 32.43
CA SER B 312 -2.31 -4.44 33.36
C SER B 312 -3.75 -4.90 33.55
N CYS B 313 -3.94 -6.18 33.76
CA CYS B 313 -5.26 -6.72 33.99
C CYS B 313 -5.39 -7.23 35.42
N PRO B 314 -6.61 -7.59 35.86
CA PRO B 314 -6.75 -8.10 37.23
C PRO B 314 -6.04 -9.43 37.40
N GLN B 315 -5.96 -9.85 38.67
CA GLN B 315 -5.42 -11.17 38.97
C GLN B 315 -6.20 -12.23 38.23
N ILE B 316 -5.48 -13.02 37.42
CA ILE B 316 -6.04 -14.17 36.74
C ILE B 316 -5.11 -15.34 37.04
N PRO B 317 -5.61 -16.44 37.59
CA PRO B 317 -4.73 -17.58 37.92
C PRO B 317 -4.02 -18.09 36.68
N LEU B 318 -2.76 -18.51 36.87
CA LEU B 318 -1.97 -18.98 35.75
C LEU B 318 -2.56 -20.25 35.15
N ASP B 319 -3.12 -21.13 35.97
CA ASP B 319 -3.77 -22.33 35.44
C ASP B 319 -4.78 -21.96 34.37
N ASP B 320 -5.70 -21.05 34.69
CA ASP B 320 -6.72 -20.63 33.73
C ASP B 320 -6.08 -19.90 32.55
N PHE B 321 -5.22 -18.92 32.85
CA PHE B 321 -4.55 -18.17 31.80
C PHE B 321 -3.88 -19.08 30.78
N LEU B 322 -3.00 -19.99 31.25
CA LEU B 322 -2.34 -20.92 30.33
C LEU B 322 -3.33 -21.87 29.68
N GLY B 323 -4.39 -22.24 30.40
CA GLY B 323 -5.42 -23.08 29.82
C GLY B 323 -6.09 -22.43 28.62
N TYR B 324 -6.31 -21.11 28.69
CA TYR B 324 -6.95 -20.43 27.58
C TYR B 324 -5.98 -20.25 26.41
N MET B 325 -4.70 -19.97 26.70
CA MET B 325 -3.71 -19.91 25.63
C MET B 325 -3.53 -21.27 24.96
N ALA B 326 -3.70 -22.36 25.72
CA ALA B 326 -3.48 -23.70 25.19
C ALA B 326 -4.70 -24.23 24.41
N HIS B 327 -5.91 -23.97 24.91
CA HIS B 327 -7.10 -24.43 24.21
C HIS B 327 -7.35 -23.65 22.92
N ASP B 328 -6.78 -22.45 22.80
CA ASP B 328 -6.83 -21.66 21.56
C ASP B 328 -5.74 -22.05 20.57
N LYS B 329 -5.06 -23.18 20.78
CA LYS B 329 -3.95 -23.57 19.92
C LYS B 329 -4.42 -23.89 18.52
N LYS B 330 -3.51 -23.72 17.55
CA LYS B 330 -3.80 -23.99 16.15
C LYS B 330 -4.16 -25.45 15.94
N VAL B 331 -3.21 -26.36 16.15
CA VAL B 331 -3.45 -27.78 16.01
C VAL B 331 -2.92 -28.53 17.23
N GLY B 334 0.51 -29.96 18.61
CA GLY B 334 1.12 -28.74 18.12
C GLY B 334 1.70 -27.84 19.21
N GLN B 335 2.87 -27.28 18.96
CA GLN B 335 3.50 -26.42 19.94
C GLN B 335 2.77 -25.08 20.06
N LEU B 336 2.81 -24.51 21.26
CA LEU B 336 2.29 -23.17 21.45
C LEU B 336 3.24 -22.18 20.79
N ARG B 337 2.71 -21.31 19.94
CA ARG B 337 3.51 -20.29 19.27
C ARG B 337 2.99 -18.91 19.65
N LEU B 338 3.89 -18.00 20.01
CA LEU B 338 3.50 -16.66 20.42
C LEU B 338 3.96 -15.65 19.37
N VAL B 339 3.20 -14.58 19.23
CA VAL B 339 3.67 -13.44 18.45
C VAL B 339 4.37 -12.51 19.41
N LEU B 340 5.69 -12.40 19.25
CA LEU B 340 6.55 -11.59 20.10
C LEU B 340 7.24 -10.54 19.24
N LEU B 341 8.14 -9.76 19.85
CA LEU B 341 8.76 -8.62 19.19
C LEU B 341 10.27 -8.82 19.19
N LYS B 342 10.84 -9.01 17.99
CA LYS B 342 12.30 -8.96 17.86
C LYS B 342 12.78 -7.53 18.05
N GLN B 343 12.00 -6.57 17.58
CA GLN B 343 12.20 -5.15 17.78
C GLN B 343 10.82 -4.52 17.73
N LEU B 344 10.67 -3.34 18.31
CA LEU B 344 9.42 -2.61 18.11
C LEU B 344 9.25 -2.38 16.61
N GLY B 345 8.06 -2.68 16.10
CA GLY B 345 7.83 -2.62 14.66
C GLY B 345 8.32 -3.84 13.90
N GLN B 346 8.71 -4.92 14.60
CA GLN B 346 9.19 -6.16 13.95
CA GLN B 346 9.20 -6.17 13.96
C GLN B 346 8.71 -7.35 14.78
N ALA B 347 7.44 -7.72 14.61
CA ALA B 347 6.93 -8.90 15.30
C ALA B 347 7.45 -10.18 14.65
N VAL B 348 7.53 -11.25 15.45
CA VAL B 348 7.87 -12.59 14.97
CA VAL B 348 7.87 -12.58 14.97
C VAL B 348 6.93 -13.58 15.63
N ILE B 349 6.66 -14.69 14.95
CA ILE B 349 5.92 -15.78 15.55
C ILE B 349 6.92 -16.88 15.92
N THR B 350 6.86 -17.36 17.16
CA THR B 350 7.98 -18.14 17.65
C THR B 350 7.52 -19.19 18.64
N LYS B 351 8.21 -20.32 18.65
CA LYS B 351 8.01 -21.36 19.64
C LYS B 351 9.13 -21.39 20.67
N ASP B 352 10.11 -20.50 20.56
CA ASP B 352 11.33 -20.60 21.37
C ASP B 352 11.27 -19.59 22.52
N PHE B 353 10.57 -19.99 23.57
CA PHE B 353 10.45 -19.19 24.78
C PHE B 353 10.36 -20.14 25.95
N ASP B 354 11.07 -19.82 27.03
CA ASP B 354 10.89 -20.52 28.28
C ASP B 354 9.51 -20.24 28.83
N VAL B 355 8.75 -21.29 29.14
CA VAL B 355 7.40 -21.10 29.69
C VAL B 355 7.45 -20.36 31.03
N GLU B 356 8.50 -20.56 31.83
CA GLU B 356 8.59 -19.82 33.08
C GLU B 356 8.74 -18.33 32.84
N LEU B 357 9.48 -17.94 31.80
CA LEU B 357 9.58 -16.52 31.47
C LEU B 357 8.25 -15.98 30.97
N MET B 358 7.51 -16.78 30.22
CA MET B 358 6.16 -16.39 29.82
C MET B 358 5.29 -16.17 31.06
N LYS B 359 5.36 -17.07 32.03
CA LYS B 359 4.58 -16.90 33.25
C LYS B 359 4.97 -15.63 33.99
N GLN B 360 6.27 -15.36 34.13
CA GLN B 360 6.68 -14.11 34.76
C GLN B 360 6.07 -12.90 34.05
N ALA B 361 6.08 -12.91 32.71
CA ALA B 361 5.58 -11.78 31.94
C ALA B 361 4.08 -11.59 32.14
N ILE B 362 3.35 -12.70 32.29
CA ILE B 362 1.92 -12.60 32.59
C ILE B 362 1.72 -12.00 33.98
N LEU B 363 2.39 -12.57 35.00
CA LEU B 363 2.16 -12.12 36.37
C LEU B 363 2.61 -10.68 36.57
N ALA B 364 3.65 -10.26 35.85
CA ALA B 364 4.20 -8.92 36.02
C ALA B 364 3.22 -7.85 35.58
N ASN B 365 2.25 -8.21 34.76
CA ASN B 365 1.32 -7.25 34.18
C ASN B 365 -0.11 -7.54 34.63
N GLN B 366 -0.23 -8.12 35.82
CA GLN B 366 -1.47 -8.20 36.56
C GLN B 366 -1.34 -7.28 37.78
N HIS B 367 -2.38 -6.50 38.06
CA HIS B 367 -2.32 -5.64 39.23
C HIS B 367 -3.10 -6.27 40.38
N GLY B 368 -2.81 -5.80 41.58
CA GLY B 368 -3.49 -6.27 42.77
C GLY B 368 -4.89 -5.70 42.90
#